data_3WG9
#
_entry.id   3WG9
#
_cell.length_a   73.412
_cell.length_b   90.098
_cell.length_c   171.637
_cell.angle_alpha   90.00
_cell.angle_beta   90.00
_cell.angle_gamma   90.00
#
_symmetry.space_group_name_H-M   'P 21 21 21'
#
loop_
_entity.id
_entity.type
_entity.pdbx_description
1 polymer 'Redox-sensing transcriptional repressor rex'
2 non-polymer 'SULFATE ION'
3 water water
#
_entity_poly.entity_id   1
_entity_poly.type   'polypeptide(L)'
_entity_poly.pdbx_seq_one_letter_code
;MSKKTIVSMAVIRRLPRYHRYLEELLKNDVKRISSRELSEKMGVTASQIRQDLNNFGGFGQQGYGYNVEELYNNLTKILG
LDKTYNTIIIGAGNLGQAIANYTSFEKSGFNLKGIFDINPRLFGLKIRDVEVMDVETVEDFIARNKIDIGILCIPKDNAQ
YTADRLVRAGIKAIWNFLPIDLKVPDDVILENVHLSDSLFTVSYRLNEEELFKKLKGETAKIDG
;
_entity_poly.pdbx_strand_id   A,B,C,D
#
loop_
_chem_comp.id
_chem_comp.type
_chem_comp.name
_chem_comp.formula
SO4 non-polymer 'SULFATE ION' 'O4 S -2'
#
# COMPACT_ATOMS: atom_id res chain seq x y z
N LYS A 4 -25.50 24.46 -4.24
CA LYS A 4 -24.13 23.97 -3.85
C LYS A 4 -23.72 22.59 -4.40
N THR A 5 -24.68 21.68 -4.64
CA THR A 5 -24.39 20.45 -5.44
C THR A 5 -25.17 20.41 -6.75
N ILE A 6 -24.74 19.56 -7.68
CA ILE A 6 -25.48 19.20 -8.90
C ILE A 6 -26.52 18.12 -8.60
N VAL A 7 -26.09 16.99 -8.05
CA VAL A 7 -27.01 15.92 -7.71
C VAL A 7 -27.55 16.18 -6.29
N SER A 8 -28.74 15.66 -5.98
CA SER A 8 -29.33 16.03 -4.69
C SER A 8 -28.64 15.36 -3.49
N MET A 9 -28.58 16.09 -2.38
CA MET A 9 -27.94 15.57 -1.17
C MET A 9 -28.58 14.28 -0.74
N ALA A 10 -29.89 14.13 -0.94
CA ALA A 10 -30.52 12.90 -0.50
C ALA A 10 -30.04 11.76 -1.38
N VAL A 11 -29.76 12.05 -2.65
CA VAL A 11 -29.15 11.01 -3.50
C VAL A 11 -27.70 10.78 -3.04
N ILE A 12 -26.94 11.84 -2.86
CA ILE A 12 -25.51 11.69 -2.51
C ILE A 12 -25.31 10.82 -1.26
N ARG A 13 -26.18 11.01 -0.24
CA ARG A 13 -26.04 10.26 0.99
C ARG A 13 -26.43 8.78 0.90
N ARG A 14 -27.16 8.36 -0.15
CA ARG A 14 -27.39 6.91 -0.27
C ARG A 14 -26.24 6.22 -0.99
N LEU A 15 -25.44 6.99 -1.72
CA LEU A 15 -24.31 6.40 -2.49
C LEU A 15 -23.26 5.68 -1.68
N PRO A 16 -22.88 6.21 -0.50
CA PRO A 16 -21.91 5.41 0.26
C PRO A 16 -22.52 4.14 0.74
N ARG A 17 -23.82 4.12 0.97
CA ARG A 17 -24.45 2.87 1.38
C ARG A 17 -24.44 1.83 0.24
N TYR A 18 -24.69 2.30 -0.98
CA TYR A 18 -24.57 1.35 -2.11
C TYR A 18 -23.14 0.78 -2.18
N HIS A 19 -22.17 1.68 -2.08
CA HIS A 19 -20.76 1.30 -2.10
C HIS A 19 -20.38 0.20 -1.07
N ARG A 20 -20.82 0.36 0.19
CA ARG A 20 -20.56 -0.68 1.24
C ARG A 20 -21.08 -2.08 0.88
N TYR A 21 -22.33 -2.13 0.47
CA TYR A 21 -22.95 -3.35 0.08
C TYR A 21 -22.29 -3.95 -1.15
N LEU A 22 -21.98 -3.11 -2.14
CA LEU A 22 -21.31 -3.63 -3.32
C LEU A 22 -19.91 -4.08 -2.98
N GLU A 23 -19.23 -3.38 -2.08
CA GLU A 23 -17.92 -3.84 -1.60
C GLU A 23 -17.95 -5.20 -0.90
N GLU A 24 -19.08 -5.56 -0.31
CA GLU A 24 -19.25 -6.81 0.43
C GLU A 24 -19.49 -7.95 -0.59
N LEU A 25 -20.51 -7.78 -1.43
CA LEU A 25 -20.72 -8.68 -2.57
C LEU A 25 -19.46 -8.98 -3.34
N LEU A 26 -18.67 -7.94 -3.60
CA LEU A 26 -17.42 -8.08 -4.32
C LEU A 26 -16.36 -8.92 -3.59
N LYS A 27 -16.40 -8.91 -2.27
CA LYS A 27 -15.50 -9.73 -1.45
C LYS A 27 -16.00 -11.16 -1.49
N ASN A 28 -17.32 -11.34 -1.40
CA ASN A 28 -17.94 -12.66 -1.56
C ASN A 28 -17.98 -13.18 -3.01
N ASP A 29 -17.02 -12.78 -3.83
CA ASP A 29 -17.01 -13.09 -5.27
C ASP A 29 -18.37 -13.27 -5.90
N VAL A 30 -19.35 -12.46 -5.52
CA VAL A 30 -20.63 -12.45 -6.22
C VAL A 30 -20.46 -11.62 -7.51
N LYS A 31 -20.87 -12.20 -8.65
CA LYS A 31 -20.75 -11.57 -9.95
C LYS A 31 -21.82 -10.55 -10.28
N ARG A 32 -23.09 -10.90 -10.12
CA ARG A 32 -24.19 -9.98 -10.41
C ARG A 32 -25.20 -9.94 -9.27
N ILE A 33 -26.09 -8.94 -9.28
CA ILE A 33 -27.25 -8.80 -8.40
C ILE A 33 -28.35 -8.04 -9.11
N SER A 34 -29.59 -8.52 -8.97
CA SER A 34 -30.76 -7.90 -9.57
C SER A 34 -31.04 -6.55 -8.90
N SER A 35 -31.80 -5.68 -9.56
CA SER A 35 -32.31 -4.49 -8.87
C SER A 35 -33.21 -4.94 -7.72
N ARG A 36 -33.97 -6.02 -7.95
CA ARG A 36 -34.88 -6.59 -6.93
C ARG A 36 -34.17 -6.86 -5.62
N GLU A 37 -33.15 -7.72 -5.69
CA GLU A 37 -32.30 -8.01 -4.53
C GLU A 37 -31.70 -6.78 -3.86
N LEU A 38 -31.38 -5.78 -4.68
CA LEU A 38 -30.70 -4.61 -4.12
C LEU A 38 -31.73 -3.67 -3.50
N SER A 39 -32.79 -3.31 -4.24
CA SER A 39 -33.92 -2.47 -3.79
C SER A 39 -34.51 -2.97 -2.48
N GLU A 40 -34.35 -4.29 -2.34
CA GLU A 40 -34.57 -5.01 -1.10
C GLU A 40 -33.56 -4.57 -0.04
N LYS A 41 -32.32 -5.06 -0.11
CA LYS A 41 -31.38 -4.75 0.98
C LYS A 41 -31.16 -3.28 1.34
N MET A 42 -31.38 -2.37 0.40
CA MET A 42 -31.27 -0.94 0.70
C MET A 42 -32.59 -0.36 1.27
N GLY A 43 -33.64 -1.16 1.40
CA GLY A 43 -34.98 -0.58 1.47
C GLY A 43 -35.14 0.73 0.70
N VAL A 44 -34.56 0.85 -0.50
CA VAL A 44 -34.93 1.94 -1.45
C VAL A 44 -35.55 1.44 -2.80
N THR A 45 -36.56 2.18 -3.29
CA THR A 45 -37.38 1.73 -4.45
C THR A 45 -36.46 1.23 -5.57
N ALA A 46 -36.75 0.04 -6.10
CA ALA A 46 -35.82 -0.54 -7.04
C ALA A 46 -35.72 0.55 -8.09
N SER A 47 -36.76 1.41 -8.09
CA SER A 47 -36.84 2.50 -9.03
C SER A 47 -35.84 3.58 -8.67
N GLN A 48 -35.92 4.01 -7.42
CA GLN A 48 -35.03 5.07 -6.91
C GLN A 48 -33.55 4.65 -6.98
N ILE A 49 -33.17 3.47 -6.46
CA ILE A 49 -31.84 2.93 -6.88
C ILE A 49 -31.51 3.14 -8.35
N ARG A 50 -32.38 2.62 -9.25
CA ARG A 50 -32.15 2.75 -10.69
C ARG A 50 -32.10 4.24 -10.97
N GLN A 51 -32.97 5.01 -10.32
CA GLN A 51 -33.00 6.46 -10.59
C GLN A 51 -31.83 7.17 -9.92
N ASP A 52 -31.38 6.68 -8.75
CA ASP A 52 -30.13 7.20 -8.11
C ASP A 52 -29.00 7.12 -9.18
N LEU A 53 -28.83 5.90 -9.71
CA LEU A 53 -27.70 5.62 -10.61
C LEU A 53 -27.81 6.37 -11.94
N ASN A 54 -29.05 6.50 -12.45
CA ASN A 54 -29.29 7.21 -13.71
C ASN A 54 -28.86 8.66 -13.66
N ASN A 55 -28.47 9.11 -12.47
CA ASN A 55 -27.91 10.45 -12.34
C ASN A 55 -26.52 10.43 -12.91
N PHE A 56 -25.93 9.23 -13.00
CA PHE A 56 -24.52 9.08 -13.39
C PHE A 56 -24.32 8.26 -14.68
N GLY A 57 -25.41 7.74 -15.24
CA GLY A 57 -25.42 7.05 -16.56
C GLY A 57 -25.65 5.54 -16.46
N GLY A 63 -30.88 -5.23 -18.32
CA GLY A 63 -29.66 -5.77 -17.75
C GLY A 63 -29.91 -7.19 -17.28
N TYR A 64 -28.83 -7.87 -16.89
CA TYR A 64 -28.88 -9.14 -16.14
C TYR A 64 -28.90 -8.75 -14.64
N GLY A 65 -29.52 -7.60 -14.35
CA GLY A 65 -29.28 -6.86 -13.10
C GLY A 65 -28.12 -5.86 -13.21
N TYR A 66 -27.24 -5.88 -12.21
CA TYR A 66 -26.00 -5.11 -12.19
C TYR A 66 -24.81 -6.07 -12.14
N ASN A 67 -23.77 -5.84 -12.95
CA ASN A 67 -22.48 -6.49 -12.66
C ASN A 67 -21.89 -5.86 -11.40
N VAL A 68 -21.48 -6.69 -10.46
CA VAL A 68 -20.98 -6.22 -9.17
C VAL A 68 -19.69 -5.42 -9.30
N GLU A 69 -18.69 -5.93 -10.00
CA GLU A 69 -17.38 -5.30 -9.98
C GLU A 69 -17.57 -3.96 -10.68
N GLU A 70 -18.28 -3.96 -11.81
CA GLU A 70 -18.52 -2.74 -12.61
C GLU A 70 -19.23 -1.63 -11.78
N LEU A 71 -20.30 -1.99 -11.08
CA LEU A 71 -21.04 -1.03 -10.28
C LEU A 71 -20.18 -0.54 -9.08
N TYR A 72 -19.45 -1.46 -8.44
CA TYR A 72 -18.55 -1.07 -7.36
C TYR A 72 -17.48 -0.09 -7.82
N ASN A 73 -16.84 -0.39 -8.96
CA ASN A 73 -15.82 0.53 -9.45
C ASN A 73 -16.44 1.85 -9.82
N ASN A 74 -17.65 1.83 -10.38
CA ASN A 74 -18.29 3.05 -10.81
C ASN A 74 -18.59 3.89 -9.55
N LEU A 75 -19.17 3.25 -8.54
CA LEU A 75 -19.45 3.93 -7.25
C LEU A 75 -18.17 4.48 -6.62
N THR A 76 -17.08 3.73 -6.65
CA THR A 76 -15.80 4.24 -6.21
C THR A 76 -15.39 5.54 -6.90
N LYS A 77 -15.49 5.60 -8.25
CA LYS A 77 -15.08 6.82 -8.94
C LYS A 77 -16.07 7.93 -8.66
N ILE A 78 -17.36 7.61 -8.63
CA ILE A 78 -18.36 8.66 -8.36
C ILE A 78 -18.12 9.33 -6.98
N LEU A 79 -17.72 8.53 -6.00
CA LEU A 79 -17.51 9.01 -4.64
C LEU A 79 -16.17 9.70 -4.48
N GLY A 80 -15.42 9.80 -5.58
CA GLY A 80 -14.08 10.36 -5.56
C GLY A 80 -13.04 9.57 -4.81
N LEU A 81 -13.32 8.29 -4.59
CA LEU A 81 -12.41 7.41 -3.88
C LEU A 81 -11.33 6.80 -4.81
N ASP A 82 -11.15 7.37 -5.99
CA ASP A 82 -10.09 6.93 -6.85
C ASP A 82 -8.97 7.96 -6.72
N LYS A 83 -9.10 8.93 -5.82
CA LYS A 83 -8.06 9.92 -5.52
C LYS A 83 -7.64 9.78 -4.07
N THR A 84 -6.53 10.39 -3.68
CA THR A 84 -6.14 10.41 -2.26
C THR A 84 -6.37 11.84 -1.79
N TYR A 85 -6.64 12.02 -0.49
CA TYR A 85 -6.91 13.34 0.12
C TYR A 85 -5.92 13.49 1.28
N ASN A 86 -5.35 14.68 1.39
CA ASN A 86 -4.60 15.08 2.58
C ASN A 86 -5.49 15.76 3.61
N THR A 87 -5.45 15.23 4.83
CA THR A 87 -6.27 15.71 5.92
C THR A 87 -5.40 16.23 7.05
N ILE A 88 -6.00 17.08 7.88
CA ILE A 88 -5.41 17.40 9.16
C ILE A 88 -6.55 17.38 10.15
N ILE A 89 -6.20 17.15 11.41
CA ILE A 89 -7.16 17.18 12.51
C ILE A 89 -6.86 18.32 13.42
N ILE A 90 -7.89 19.10 13.72
CA ILE A 90 -7.74 20.17 14.69
C ILE A 90 -8.38 19.69 15.99
N GLY A 91 -7.63 19.69 17.10
CA GLY A 91 -8.08 19.16 18.40
C GLY A 91 -7.44 17.80 18.70
N ALA A 92 -6.58 17.75 19.71
CA ALA A 92 -5.92 16.48 20.06
C ALA A 92 -6.50 15.84 21.31
N GLY A 93 -7.75 16.16 21.64
CA GLY A 93 -8.44 15.53 22.75
C GLY A 93 -8.87 14.11 22.45
N ASN A 94 -9.75 13.50 23.30
CA ASN A 94 -10.06 12.07 22.99
C ASN A 94 -10.67 11.85 21.58
N LEU A 95 -11.60 12.71 21.20
CA LEU A 95 -12.25 12.56 19.87
C LEU A 95 -11.24 12.72 18.73
N GLY A 96 -10.45 13.81 18.79
CA GLY A 96 -9.35 13.93 17.82
C GLY A 96 -8.45 12.74 17.71
N GLN A 97 -8.04 12.18 18.84
CA GLN A 97 -7.11 11.04 18.78
C GLN A 97 -7.84 9.81 18.28
N ALA A 98 -9.10 9.69 18.69
CA ALA A 98 -9.96 8.60 18.17
C ALA A 98 -10.01 8.66 16.64
N ILE A 99 -10.19 9.87 16.10
CA ILE A 99 -10.31 9.98 14.67
C ILE A 99 -8.94 9.72 13.98
N ALA A 100 -7.86 10.21 14.58
CA ALA A 100 -6.52 9.94 14.02
C ALA A 100 -6.26 8.42 13.95
N ASN A 101 -6.71 7.71 14.99
CA ASN A 101 -6.48 6.26 15.08
C ASN A 101 -7.56 5.45 14.40
N TYR A 102 -8.50 6.11 13.72
CA TYR A 102 -9.54 5.41 12.93
C TYR A 102 -8.97 5.03 11.56
N THR A 103 -8.09 4.03 11.54
CA THR A 103 -7.29 3.72 10.34
C THR A 103 -8.05 3.19 9.11
N SER A 104 -9.33 2.85 9.22
CA SER A 104 -10.11 2.60 8.00
C SER A 104 -10.14 3.76 7.00
N PHE A 105 -10.17 4.99 7.49
CA PHE A 105 -10.17 6.18 6.62
C PHE A 105 -8.87 6.27 5.78
N GLU A 106 -7.72 6.09 6.44
CA GLU A 106 -6.40 6.02 5.79
C GLU A 106 -6.43 4.97 4.67
N LYS A 107 -6.80 3.77 5.06
CA LYS A 107 -6.97 2.67 4.12
C LYS A 107 -7.83 3.09 2.91
N SER A 108 -8.81 3.99 3.11
CA SER A 108 -9.67 4.46 2.01
C SER A 108 -9.08 5.64 1.24
N GLY A 109 -7.91 6.12 1.64
CA GLY A 109 -7.24 7.16 0.86
C GLY A 109 -7.21 8.55 1.49
N PHE A 110 -7.55 8.65 2.76
CA PHE A 110 -7.54 9.93 3.44
C PHE A 110 -6.29 9.94 4.30
N ASN A 111 -5.29 10.66 3.87
CA ASN A 111 -3.98 10.58 4.52
C ASN A 111 -3.77 11.71 5.50
N LEU A 112 -3.68 11.37 6.77
CA LEU A 112 -3.52 12.39 7.80
C LEU A 112 -2.10 12.96 7.76
N LYS A 113 -2.00 14.28 7.67
CA LYS A 113 -0.75 14.98 7.51
C LYS A 113 -0.33 15.71 8.79
N GLY A 114 -1.24 16.09 9.67
CA GLY A 114 -0.82 16.77 10.89
C GLY A 114 -1.97 16.90 11.84
N ILE A 115 -1.67 17.01 13.12
CA ILE A 115 -2.70 17.18 14.15
C ILE A 115 -2.37 18.50 14.85
N PHE A 116 -3.37 19.31 15.22
CA PHE A 116 -3.11 20.63 15.77
C PHE A 116 -3.87 20.82 17.08
N ASP A 117 -3.21 21.41 18.07
CA ASP A 117 -3.83 21.66 19.35
C ASP A 117 -3.38 23.00 19.89
N ILE A 118 -4.16 23.57 20.78
CA ILE A 118 -3.76 24.79 21.48
C ILE A 118 -2.85 24.53 22.68
N ASN A 119 -2.81 23.32 23.22
CA ASN A 119 -2.12 23.14 24.52
C ASN A 119 -0.63 22.81 24.34
N PRO A 120 0.26 23.71 24.80
CA PRO A 120 1.69 23.51 24.56
C PRO A 120 2.23 22.20 25.13
N ARG A 121 1.63 21.69 26.19
CA ARG A 121 2.12 20.42 26.76
C ARG A 121 2.18 19.30 25.71
N LEU A 122 1.32 19.38 24.69
CA LEU A 122 1.22 18.31 23.68
C LEU A 122 2.17 18.47 22.48
N PHE A 123 2.78 19.65 22.33
CA PHE A 123 3.52 19.92 21.09
C PHE A 123 4.66 18.91 20.93
N GLY A 124 4.76 18.40 19.73
CA GLY A 124 5.85 17.54 19.34
C GLY A 124 5.61 16.08 19.68
N LEU A 125 4.61 15.77 20.50
CA LEU A 125 4.23 14.36 20.69
C LEU A 125 3.59 13.83 19.39
N LYS A 126 3.62 12.52 19.19
CA LYS A 126 3.24 11.93 17.91
C LYS A 126 2.07 10.96 18.17
N ILE A 127 1.16 10.87 17.20
CA ILE A 127 0.08 9.86 17.24
C ILE A 127 0.17 9.22 15.88
N ARG A 128 0.50 7.94 15.87
CA ARG A 128 0.75 7.21 14.63
C ARG A 128 1.78 7.89 13.74
N ASP A 129 2.89 8.33 14.32
CA ASP A 129 3.89 9.11 13.58
C ASP A 129 3.40 10.38 12.88
N VAL A 130 2.30 10.93 13.38
CA VAL A 130 1.89 12.25 12.97
C VAL A 130 2.12 13.16 14.16
N GLU A 131 2.81 14.27 13.93
CA GLU A 131 3.10 15.19 15.00
C GLU A 131 1.94 16.10 15.41
N VAL A 132 1.83 16.31 16.73
CA VAL A 132 0.90 17.28 17.28
C VAL A 132 1.62 18.64 17.23
N MET A 133 1.01 19.63 16.60
CA MET A 133 1.65 20.94 16.38
C MET A 133 0.73 22.01 16.89
N ASP A 134 1.31 23.17 17.21
CA ASP A 134 0.57 24.30 17.70
C ASP A 134 -0.42 24.74 16.65
N VAL A 135 -1.68 24.94 17.03
CA VAL A 135 -2.70 25.34 16.06
C VAL A 135 -2.36 26.74 15.51
N GLU A 136 -1.58 27.51 16.26
CA GLU A 136 -1.25 28.84 15.76
C GLU A 136 -0.39 28.78 14.52
N THR A 137 0.21 27.61 14.27
CA THR A 137 0.96 27.43 13.02
C THR A 137 0.18 26.86 11.84
N VAL A 138 -1.16 26.71 11.97
CA VAL A 138 -1.84 25.83 11.01
C VAL A 138 -1.94 26.41 9.60
N GLU A 139 -1.98 27.73 9.51
CA GLU A 139 -2.08 28.38 8.22
C GLU A 139 -0.79 28.24 7.38
N ASP A 140 0.34 28.48 8.02
CA ASP A 140 1.65 28.16 7.48
C ASP A 140 1.73 26.72 7.02
N PHE A 141 1.32 25.78 7.90
CA PHE A 141 1.35 24.38 7.57
C PHE A 141 0.52 24.09 6.31
N ILE A 142 -0.67 24.66 6.26
CA ILE A 142 -1.60 24.33 5.20
C ILE A 142 -1.08 24.81 3.80
N ALA A 143 -0.36 25.92 3.81
CA ALA A 143 0.10 26.52 2.55
C ALA A 143 1.10 25.56 1.96
N ARG A 144 2.13 25.24 2.75
CA ARG A 144 3.22 24.35 2.35
C ARG A 144 2.90 22.87 2.28
N ASN A 145 1.64 22.46 2.44
CA ASN A 145 1.35 21.02 2.48
C ASN A 145 0.20 20.52 1.60
N LYS A 146 -0.41 21.38 0.79
CA LYS A 146 -1.53 20.91 -0.05
C LYS A 146 -2.56 20.04 0.74
N ILE A 147 -3.19 20.63 1.74
CA ILE A 147 -4.18 19.92 2.56
C ILE A 147 -5.55 20.03 1.93
N ASP A 148 -6.28 18.94 1.84
CA ASP A 148 -7.63 18.97 1.20
C ASP A 148 -8.79 19.17 2.19
N ILE A 149 -8.67 18.55 3.37
CA ILE A 149 -9.80 18.49 4.27
C ILE A 149 -9.35 18.75 5.69
N GLY A 150 -9.96 19.75 6.32
CA GLY A 150 -9.78 19.97 7.73
C GLY A 150 -10.86 19.24 8.56
N ILE A 151 -10.45 18.59 9.62
CA ILE A 151 -11.37 17.78 10.40
C ILE A 151 -11.40 18.49 11.76
N LEU A 152 -12.58 18.89 12.22
CA LEU A 152 -12.69 19.68 13.44
C LEU A 152 -13.14 18.84 14.64
N CYS A 153 -12.26 18.70 15.63
CA CYS A 153 -12.53 17.94 16.88
C CYS A 153 -12.19 18.83 18.08
N ILE A 154 -12.66 20.06 18.02
CA ILE A 154 -12.38 21.03 19.08
C ILE A 154 -13.64 21.43 19.82
N PRO A 155 -13.53 22.15 20.96
CA PRO A 155 -14.72 22.70 21.60
C PRO A 155 -15.26 23.87 20.85
N LYS A 156 -16.41 24.40 21.27
CA LYS A 156 -17.03 25.55 20.59
C LYS A 156 -16.28 26.88 20.72
N ASP A 157 -15.54 27.04 21.81
CA ASP A 157 -14.92 28.32 22.18
C ASP A 157 -14.38 29.11 21.00
N ASN A 158 -13.44 28.57 20.26
CA ASN A 158 -12.94 29.34 19.13
C ASN A 158 -13.20 28.64 17.79
N ALA A 159 -14.30 27.88 17.73
CA ALA A 159 -14.56 27.02 16.57
C ALA A 159 -14.77 27.82 15.29
N GLN A 160 -15.67 28.81 15.32
CA GLN A 160 -15.93 29.63 14.13
C GLN A 160 -14.63 30.27 13.66
N TYR A 161 -13.88 30.84 14.59
CA TYR A 161 -12.61 31.49 14.21
C TYR A 161 -11.66 30.51 13.56
N THR A 162 -11.61 29.30 14.12
CA THR A 162 -10.69 28.28 13.59
C THR A 162 -11.10 27.84 12.18
N ALA A 163 -12.39 27.61 12.00
CA ALA A 163 -12.93 27.34 10.68
C ALA A 163 -12.56 28.47 9.71
N ASP A 164 -12.75 29.72 10.10
CA ASP A 164 -12.40 30.84 9.22
C ASP A 164 -10.90 30.87 8.90
N ARG A 165 -10.03 30.50 9.86
CA ARG A 165 -8.62 30.43 9.50
C ARG A 165 -8.33 29.37 8.43
N LEU A 166 -8.90 28.19 8.63
CA LEU A 166 -8.70 27.13 7.66
C LEU A 166 -9.13 27.63 6.28
N VAL A 167 -10.28 28.26 6.24
CA VAL A 167 -10.82 28.74 4.96
C VAL A 167 -9.91 29.81 4.32
N ARG A 168 -9.39 30.71 5.15
CA ARG A 168 -8.55 31.76 4.63
C ARG A 168 -7.31 31.11 4.05
N ALA A 169 -6.85 30.01 4.66
CA ALA A 169 -5.68 29.33 4.15
C ALA A 169 -5.98 28.47 2.92
N GLY A 170 -7.21 28.50 2.41
CA GLY A 170 -7.54 27.81 1.15
C GLY A 170 -8.10 26.38 1.32
N ILE A 171 -8.47 26.01 2.55
CA ILE A 171 -9.12 24.69 2.71
C ILE A 171 -10.51 24.77 2.11
N LYS A 172 -10.86 23.79 1.31
CA LYS A 172 -12.21 23.81 0.69
C LYS A 172 -13.13 22.68 1.18
N ALA A 173 -12.72 21.90 2.19
CA ALA A 173 -13.64 20.96 2.83
C ALA A 173 -13.40 20.89 4.32
N ILE A 174 -14.48 21.01 5.10
CA ILE A 174 -14.39 20.84 6.55
C ILE A 174 -15.31 19.67 6.95
N TRP A 175 -14.73 18.75 7.72
CA TRP A 175 -15.53 17.67 8.31
C TRP A 175 -15.62 17.96 9.78
N ASN A 176 -16.82 18.33 10.22
CA ASN A 176 -16.99 18.94 11.52
C ASN A 176 -17.71 18.05 12.55
N PHE A 177 -17.04 17.68 13.63
CA PHE A 177 -17.64 16.82 14.67
C PHE A 177 -18.31 17.60 15.81
N LEU A 178 -18.17 18.92 15.79
CA LEU A 178 -18.74 19.72 16.86
C LEU A 178 -20.22 19.99 16.59
N PRO A 179 -21.11 19.65 17.57
CA PRO A 179 -22.51 19.92 17.25
C PRO A 179 -22.88 21.38 17.29
N ILE A 180 -22.25 22.21 16.45
CA ILE A 180 -22.70 23.58 16.31
C ILE A 180 -22.77 24.01 14.87
N ASP A 181 -23.37 25.18 14.63
CA ASP A 181 -23.68 25.53 13.26
C ASP A 181 -22.58 26.46 12.74
N LEU A 182 -21.52 25.89 12.16
CA LEU A 182 -20.49 26.70 11.52
C LEU A 182 -20.91 27.27 10.17
N LYS A 183 -20.36 28.43 9.83
CA LYS A 183 -20.68 29.11 8.59
C LYS A 183 -19.40 29.05 7.79
N VAL A 184 -19.52 28.73 6.50
CA VAL A 184 -18.36 28.68 5.60
C VAL A 184 -18.88 29.33 4.32
N PRO A 185 -17.98 29.84 3.46
CA PRO A 185 -18.44 30.41 2.19
C PRO A 185 -18.99 29.33 1.27
N ASP A 186 -19.76 29.75 0.27
CA ASP A 186 -20.47 28.83 -0.61
C ASP A 186 -19.55 27.93 -1.43
N ASP A 187 -18.29 28.34 -1.58
CA ASP A 187 -17.33 27.47 -2.23
C ASP A 187 -16.58 26.54 -1.26
N VAL A 188 -17.01 26.43 0.00
CA VAL A 188 -16.36 25.49 0.90
C VAL A 188 -17.34 24.40 1.26
N ILE A 189 -16.90 23.14 1.24
CA ILE A 189 -17.80 22.03 1.63
C ILE A 189 -17.76 21.86 3.14
N LEU A 190 -18.93 21.88 3.76
CA LEU A 190 -18.98 21.65 5.23
C LEU A 190 -19.86 20.43 5.48
N GLU A 191 -19.31 19.42 6.13
CA GLU A 191 -20.10 18.23 6.47
C GLU A 191 -20.10 18.09 7.98
N ASN A 192 -21.26 18.21 8.61
CA ASN A 192 -21.39 18.16 10.07
C ASN A 192 -21.77 16.74 10.46
N VAL A 193 -21.08 16.18 11.44
CA VAL A 193 -21.42 14.82 11.86
C VAL A 193 -22.44 14.94 12.94
N HIS A 194 -23.52 14.16 12.84
CA HIS A 194 -24.57 14.22 13.84
C HIS A 194 -24.76 12.79 14.40
N LEU A 195 -23.99 12.42 15.43
CA LEU A 195 -24.12 11.11 16.04
C LEU A 195 -25.48 10.87 16.64
N SER A 196 -26.21 11.87 17.13
CA SER A 196 -27.51 11.56 17.70
C SER A 196 -28.50 11.02 16.63
N ASP A 197 -28.29 11.36 15.36
CA ASP A 197 -29.22 10.91 14.33
C ASP A 197 -29.20 9.37 14.36
N SER A 198 -28.02 8.77 14.65
CA SER A 198 -27.90 7.32 14.76
C SER A 198 -28.45 6.88 16.14
N LEU A 199 -27.97 7.49 17.23
CA LEU A 199 -28.40 6.98 18.55
C LEU A 199 -29.92 6.99 18.73
N PHE A 200 -30.57 8.04 18.18
CA PHE A 200 -31.99 8.20 18.44
C PHE A 200 -32.80 7.16 17.61
N THR A 201 -32.19 6.51 16.62
CA THR A 201 -32.86 5.34 16.00
C THR A 201 -32.88 4.11 16.93
N VAL A 202 -31.97 4.09 17.86
CA VAL A 202 -31.94 3.00 18.84
C VAL A 202 -33.01 3.19 19.90
N SER A 203 -33.10 4.39 20.47
CA SER A 203 -34.22 4.64 21.37
C SER A 203 -35.54 4.42 20.64
N TYR A 204 -35.59 4.83 19.37
CA TYR A 204 -36.87 4.69 18.63
C TYR A 204 -37.22 3.20 18.62
N ARG A 205 -36.25 2.37 18.25
CA ARG A 205 -36.52 0.94 18.11
C ARG A 205 -36.82 0.24 19.41
N LEU A 206 -36.13 0.66 20.47
CA LEU A 206 -36.39 0.06 21.82
C LEU A 206 -37.79 0.43 22.29
N ASN A 207 -38.23 1.63 21.95
CA ASN A 207 -39.54 2.16 22.48
C ASN A 207 -40.72 1.85 21.55
N GLU A 208 -40.48 1.37 20.34
CA GLU A 208 -41.53 1.33 19.26
C GLU A 208 -42.75 0.50 19.72
N GLU A 209 -42.50 -0.65 20.32
CA GLU A 209 -43.62 -1.50 20.74
C GLU A 209 -44.54 -0.78 21.74
N GLU A 210 -43.95 -0.18 22.77
CA GLU A 210 -44.67 0.64 23.74
C GLU A 210 -45.41 1.86 23.14
N LEU A 211 -44.71 2.56 22.25
CA LEU A 211 -45.30 3.73 21.61
C LEU A 211 -46.60 3.32 20.91
N PHE A 212 -46.58 2.30 20.06
CA PHE A 212 -47.80 1.84 19.39
C PHE A 212 -48.92 1.35 20.32
N LYS A 213 -48.54 0.63 21.37
CA LYS A 213 -49.50 0.23 22.39
C LYS A 213 -50.20 1.48 22.96
N LYS A 214 -49.44 2.47 23.41
CA LYS A 214 -50.01 3.71 23.95
C LYS A 214 -50.82 4.49 22.89
N LEU A 215 -50.33 4.57 21.66
CA LEU A 215 -51.10 5.23 20.61
C LEU A 215 -52.40 4.49 20.22
N LYS A 216 -52.35 3.17 20.22
CA LYS A 216 -53.39 2.37 19.57
C LYS A 216 -54.16 1.68 20.68
N GLY A 217 -54.39 2.48 21.74
CA GLY A 217 -55.40 2.20 22.74
C GLY A 217 -56.28 3.43 22.60
N LYS B 4 -38.48 -6.47 11.21
CA LYS B 4 -37.82 -6.09 12.51
C LYS B 4 -38.43 -4.84 13.12
N THR B 5 -39.09 -4.01 12.31
CA THR B 5 -39.74 -2.81 12.85
C THR B 5 -41.17 -2.65 12.32
N ILE B 6 -42.03 -1.97 13.08
CA ILE B 6 -43.40 -1.58 12.65
C ILE B 6 -43.27 -0.55 11.50
N VAL B 7 -42.41 0.47 11.64
CA VAL B 7 -42.28 1.53 10.62
C VAL B 7 -40.98 1.22 9.86
N SER B 8 -40.90 1.52 8.57
CA SER B 8 -39.67 1.22 7.80
C SER B 8 -38.48 2.04 8.32
N MET B 9 -37.30 1.48 8.16
CA MET B 9 -36.06 2.12 8.58
C MET B 9 -35.84 3.45 7.80
N ALA B 10 -36.32 3.55 6.56
CA ALA B 10 -36.08 4.79 5.81
C ALA B 10 -36.83 5.88 6.55
N VAL B 11 -38.05 5.56 6.99
CA VAL B 11 -38.80 6.52 7.80
C VAL B 11 -38.13 6.83 9.12
N ILE B 12 -37.75 5.80 9.85
CA ILE B 12 -37.16 5.97 11.21
C ILE B 12 -35.91 6.85 11.10
N ARG B 13 -35.11 6.69 10.05
CA ARG B 13 -33.90 7.51 9.94
C ARG B 13 -34.15 8.96 9.57
N ARG B 14 -35.32 9.29 9.01
CA ARG B 14 -35.63 10.71 8.84
C ARG B 14 -36.10 11.36 10.13
N LEU B 15 -36.70 10.59 11.02
CA LEU B 15 -37.29 11.23 12.23
C LEU B 15 -36.32 12.02 13.10
N PRO B 16 -35.12 11.48 13.39
CA PRO B 16 -34.17 12.32 14.14
C PRO B 16 -33.74 13.59 13.39
N ARG B 17 -33.66 13.54 12.07
CA ARG B 17 -33.38 14.75 11.29
C ARG B 17 -34.49 15.79 11.51
N TYR B 18 -35.78 15.36 11.52
CA TYR B 18 -36.81 16.38 11.81
C TYR B 18 -36.64 16.95 13.21
N HIS B 19 -36.38 16.07 14.18
CA HIS B 19 -36.29 16.47 15.61
C HIS B 19 -35.14 17.50 15.78
N ARG B 20 -34.00 17.21 15.18
CA ARG B 20 -32.81 18.08 15.32
C ARG B 20 -33.03 19.48 14.69
N TYR B 21 -33.68 19.53 13.54
CA TYR B 21 -33.98 20.79 12.89
C TYR B 21 -35.00 21.64 13.69
N LEU B 22 -36.09 21.02 14.16
CA LEU B 22 -37.05 21.62 15.08
C LEU B 22 -36.47 22.12 16.42
N GLU B 23 -35.51 21.37 16.96
CA GLU B 23 -34.80 21.79 18.15
C GLU B 23 -34.11 23.14 17.94
N GLU B 24 -33.49 23.33 16.79
CA GLU B 24 -32.79 24.56 16.47
C GLU B 24 -33.76 25.72 16.34
N LEU B 25 -34.89 25.50 15.68
CA LEU B 25 -35.96 26.49 15.57
C LEU B 25 -36.56 26.81 16.94
N LEU B 26 -36.77 25.80 17.76
CA LEU B 26 -37.31 26.01 19.08
C LEU B 26 -36.33 26.83 19.93
N LYS B 27 -35.03 26.59 19.78
CA LYS B 27 -34.03 27.39 20.48
C LYS B 27 -34.05 28.86 20.04
N ASN B 28 -34.29 29.10 18.76
CA ASN B 28 -34.40 30.47 18.20
C ASN B 28 -35.79 31.05 18.37
N ASP B 29 -36.61 30.41 19.19
CA ASP B 29 -37.99 30.78 19.37
C ASP B 29 -38.79 31.06 18.11
N VAL B 30 -38.52 30.31 17.04
CA VAL B 30 -39.40 30.30 15.87
C VAL B 30 -40.69 29.56 16.22
N LYS B 31 -41.82 30.25 16.14
CA LYS B 31 -43.10 29.71 16.60
C LYS B 31 -43.68 28.65 15.65
N ARG B 32 -43.57 28.90 14.34
CA ARG B 32 -44.26 28.08 13.37
C ARG B 32 -43.33 27.79 12.20
N ILE B 33 -43.55 26.68 11.50
CA ILE B 33 -42.81 26.45 10.29
C ILE B 33 -43.74 25.87 9.25
N SER B 34 -43.67 26.41 8.04
CA SER B 34 -44.57 25.99 6.97
C SER B 34 -44.09 24.65 6.39
N SER B 35 -45.00 23.96 5.72
CA SER B 35 -44.68 22.67 5.08
C SER B 35 -43.60 22.82 4.01
N ARG B 36 -43.69 23.88 3.23
CA ARG B 36 -42.69 24.02 2.18
C ARG B 36 -41.31 24.36 2.79
N GLU B 37 -41.29 25.15 3.86
CA GLU B 37 -40.02 25.55 4.52
C GLU B 37 -39.34 24.31 5.11
N LEU B 38 -40.15 23.51 5.79
CA LEU B 38 -39.67 22.27 6.34
C LEU B 38 -39.14 21.34 5.26
N SER B 39 -39.93 21.12 4.22
CA SER B 39 -39.51 20.27 3.10
C SER B 39 -38.21 20.77 2.49
N GLU B 40 -38.14 22.06 2.20
CA GLU B 40 -36.93 22.63 1.58
C GLU B 40 -35.70 22.35 2.45
N LYS B 41 -35.83 22.53 3.75
CA LYS B 41 -34.72 22.29 4.66
C LYS B 41 -34.30 20.81 4.70
N MET B 42 -35.27 19.90 4.72
CA MET B 42 -35.00 18.49 4.89
C MET B 42 -34.63 17.75 3.61
N GLY B 43 -34.96 18.32 2.46
CA GLY B 43 -34.72 17.61 1.22
C GLY B 43 -35.68 16.43 1.11
N VAL B 44 -36.86 16.57 1.74
CA VAL B 44 -37.89 15.51 1.73
C VAL B 44 -39.21 16.22 1.26
N THR B 45 -39.99 15.65 0.34
CA THR B 45 -41.21 16.35 -0.08
C THR B 45 -42.16 16.63 1.10
N ALA B 46 -42.92 17.73 0.99
CA ALA B 46 -43.92 17.96 2.03
C ALA B 46 -44.87 16.77 2.23
N SER B 47 -45.19 16.08 1.13
CA SER B 47 -46.17 14.96 1.27
C SER B 47 -45.54 13.77 2.03
N GLN B 48 -44.26 13.48 1.74
CA GLN B 48 -43.58 12.39 2.46
C GLN B 48 -43.48 12.77 3.94
N ILE B 49 -43.25 14.05 4.23
CA ILE B 49 -43.11 14.42 5.64
C ILE B 49 -44.47 14.22 6.33
N ARG B 50 -45.55 14.60 5.65
CA ARG B 50 -46.88 14.39 6.25
C ARG B 50 -47.10 12.88 6.49
N GLN B 51 -46.74 12.08 5.52
CA GLN B 51 -46.88 10.65 5.65
C GLN B 51 -46.03 10.04 6.80
N ASP B 52 -44.83 10.57 6.95
CA ASP B 52 -43.94 10.11 8.04
C ASP B 52 -44.58 10.35 9.40
N LEU B 53 -45.06 11.56 9.66
CA LEU B 53 -45.71 11.88 10.91
C LEU B 53 -47.03 11.12 11.12
N ASN B 54 -47.76 10.90 10.01
CA ASN B 54 -49.07 10.28 10.12
C ASN B 54 -48.99 8.85 10.64
N ASN B 55 -47.81 8.23 10.57
CA ASN B 55 -47.62 6.89 11.20
C ASN B 55 -47.96 6.90 12.69
N PHE B 56 -47.89 8.08 13.30
CA PHE B 56 -47.93 8.19 14.76
C PHE B 56 -49.17 8.95 15.31
N GLY B 57 -50.19 9.11 14.49
CA GLY B 57 -51.42 9.78 14.91
C GLY B 57 -51.42 11.25 14.55
N GLY B 58 -52.44 11.97 15.03
CA GLY B 58 -52.46 13.44 14.99
C GLY B 58 -51.80 13.97 16.24
N PHE B 59 -51.52 15.27 16.29
CA PHE B 59 -50.86 15.92 17.44
C PHE B 59 -51.29 17.38 17.59
N GLY B 60 -52.62 17.61 17.52
CA GLY B 60 -53.21 18.95 17.53
C GLY B 60 -52.75 19.90 16.42
N GLN B 61 -52.51 19.37 15.21
CA GLN B 61 -52.12 20.24 14.11
C GLN B 61 -53.38 20.97 13.64
N GLN B 62 -53.17 22.12 13.02
CA GLN B 62 -54.22 23.06 12.62
C GLN B 62 -53.75 23.73 11.34
N GLY B 63 -54.65 23.91 10.39
CA GLY B 63 -54.32 24.58 9.14
C GLY B 63 -53.04 24.00 8.56
N TYR B 64 -52.27 24.84 7.89
CA TYR B 64 -51.08 24.34 7.22
C TYR B 64 -49.77 24.71 7.92
N GLY B 65 -48.77 23.88 7.71
CA GLY B 65 -47.53 24.03 8.48
C GLY B 65 -47.76 23.60 9.92
N TYR B 66 -46.76 23.88 10.76
CA TYR B 66 -46.66 23.22 12.04
C TYR B 66 -46.30 24.22 13.13
N ASN B 67 -46.83 23.99 14.31
CA ASN B 67 -46.29 24.61 15.50
C ASN B 67 -44.98 23.89 15.88
N VAL B 68 -43.91 24.66 16.00
CA VAL B 68 -42.58 24.14 16.24
C VAL B 68 -42.53 23.37 17.54
N GLU B 69 -43.00 23.98 18.63
CA GLU B 69 -42.83 23.37 19.94
C GLU B 69 -43.61 22.06 20.02
N GLU B 70 -44.81 22.03 19.42
CA GLU B 70 -45.65 20.85 19.53
C GLU B 70 -45.12 19.72 18.64
N LEU B 71 -44.63 20.08 17.46
CA LEU B 71 -44.08 19.06 16.55
C LEU B 71 -42.83 18.51 17.23
N TYR B 72 -42.00 19.43 17.72
CA TYR B 72 -40.79 19.02 18.42
C TYR B 72 -41.11 18.04 19.56
N ASN B 73 -42.07 18.40 20.41
CA ASN B 73 -42.40 17.53 21.53
C ASN B 73 -42.97 16.19 21.09
N ASN B 74 -43.75 16.18 20.02
CA ASN B 74 -44.26 14.95 19.40
C ASN B 74 -43.07 14.07 18.95
N LEU B 75 -42.13 14.64 18.22
CA LEU B 75 -40.96 13.87 17.78
C LEU B 75 -40.11 13.30 18.94
N THR B 76 -40.00 14.06 20.01
CA THR B 76 -39.29 13.59 21.18
C THR B 76 -39.92 12.31 21.72
N LYS B 77 -41.25 12.34 21.83
CA LYS B 77 -42.02 11.18 22.26
C LYS B 77 -41.88 10.01 21.29
N ILE B 78 -42.03 10.27 19.99
CA ILE B 78 -41.96 9.21 18.98
C ILE B 78 -40.57 8.54 19.04
N LEU B 79 -39.55 9.33 19.30
CA LEU B 79 -38.15 8.81 19.31
C LEU B 79 -37.78 8.13 20.62
N GLY B 80 -38.75 8.06 21.55
CA GLY B 80 -38.56 7.40 22.86
C GLY B 80 -37.64 8.18 23.76
N LEU B 81 -37.52 9.48 23.49
CA LEU B 81 -36.64 10.36 24.26
C LEU B 81 -37.27 10.91 25.56
N ASP B 82 -38.51 10.52 25.84
CA ASP B 82 -39.15 10.73 27.14
C ASP B 82 -38.79 9.62 28.13
N LYS B 83 -38.11 8.57 27.67
CA LYS B 83 -37.71 7.46 28.54
C LYS B 83 -36.22 7.60 28.87
N THR B 84 -35.71 6.75 29.76
CA THR B 84 -34.26 6.66 30.02
C THR B 84 -33.81 5.27 29.66
N TYR B 85 -32.53 5.14 29.31
CA TYR B 85 -31.95 3.89 28.83
C TYR B 85 -30.62 3.77 29.59
N ASN B 86 -30.39 2.60 30.15
CA ASN B 86 -29.10 2.31 30.80
C ASN B 86 -28.11 1.79 29.76
N THR B 87 -26.95 2.41 29.69
CA THR B 87 -25.91 2.10 28.74
C THR B 87 -24.63 1.66 29.44
N ILE B 88 -23.83 0.90 28.73
CA ILE B 88 -22.46 0.67 29.08
C ILE B 88 -21.64 0.91 27.84
N ILE B 89 -20.38 1.24 28.03
CA ILE B 89 -19.45 1.35 26.90
C ILE B 89 -18.41 0.29 27.08
N ILE B 90 -18.10 -0.42 25.99
CA ILE B 90 -17.03 -1.38 25.97
C ILE B 90 -15.85 -0.73 25.19
N GLY B 91 -14.74 -0.56 25.89
CA GLY B 91 -13.53 0.11 25.31
C GLY B 91 -13.27 1.42 26.05
N ALA B 92 -12.17 1.51 26.79
CA ALA B 92 -11.87 2.72 27.53
C ALA B 92 -10.73 3.55 26.91
N GLY B 93 -10.38 3.28 25.65
CA GLY B 93 -9.52 4.18 24.84
C GLY B 93 -10.15 5.50 24.45
N ASN B 94 -9.48 6.24 23.58
CA ASN B 94 -9.94 7.57 23.19
C ASN B 94 -11.39 7.59 22.69
N LEU B 95 -11.72 6.67 21.78
CA LEU B 95 -13.09 6.59 21.24
C LEU B 95 -14.11 6.42 22.38
N GLY B 96 -13.92 5.42 23.27
CA GLY B 96 -14.87 5.20 24.36
C GLY B 96 -15.01 6.41 25.27
N GLN B 97 -13.89 7.06 25.61
CA GLN B 97 -13.99 8.28 26.41
C GLN B 97 -14.73 9.38 25.67
N ALA B 98 -14.53 9.48 24.36
CA ALA B 98 -15.21 10.59 23.61
C ALA B 98 -16.71 10.31 23.58
N ILE B 99 -17.05 9.03 23.39
CA ILE B 99 -18.47 8.68 23.38
C ILE B 99 -19.06 8.84 24.78
N ALA B 100 -18.29 8.48 25.81
CA ALA B 100 -18.73 8.73 27.16
C ALA B 100 -19.01 10.23 27.36
N ASN B 101 -18.11 11.10 26.89
CA ASN B 101 -18.33 12.57 26.93
C ASN B 101 -19.56 12.99 26.10
N TYR B 102 -19.74 12.42 24.92
CA TYR B 102 -20.88 12.80 24.06
C TYR B 102 -22.25 12.42 24.69
N THR B 103 -22.33 11.24 25.28
CA THR B 103 -23.59 10.73 25.83
C THR B 103 -24.02 11.16 27.25
N SER B 104 -23.27 12.06 27.92
CA SER B 104 -23.90 13.06 28.85
C SER B 104 -24.41 14.42 28.25
N PHE B 105 -23.76 14.91 27.20
CA PHE B 105 -24.42 15.85 26.28
C PHE B 105 -25.60 15.18 25.58
N GLU B 106 -25.83 13.91 25.92
CA GLU B 106 -27.03 13.11 25.65
C GLU B 106 -27.45 12.31 26.90
N LYS B 107 -26.95 12.66 28.09
CA LYS B 107 -27.27 11.86 29.27
C LYS B 107 -28.66 12.25 29.70
N SER B 108 -29.12 13.39 29.22
CA SER B 108 -30.55 13.43 29.07
C SER B 108 -30.80 12.17 28.24
N GLY B 109 -31.07 11.07 28.95
CA GLY B 109 -31.83 9.96 28.41
C GLY B 109 -30.99 8.72 28.45
N PHE B 110 -29.70 8.91 28.22
CA PHE B 110 -28.85 7.77 28.09
C PHE B 110 -27.89 7.67 29.27
N ASN B 111 -28.29 6.83 30.21
CA ASN B 111 -27.59 6.86 31.48
C ASN B 111 -26.44 5.87 31.53
N LEU B 112 -25.22 6.37 31.42
CA LEU B 112 -24.06 5.50 31.37
C LEU B 112 -23.78 4.85 32.73
N LYS B 113 -23.79 3.51 32.82
CA LYS B 113 -23.64 2.77 34.09
C LYS B 113 -22.27 2.19 34.33
N GLY B 114 -21.45 2.06 33.29
CA GLY B 114 -20.16 1.41 33.45
C GLY B 114 -19.41 1.44 32.13
N ILE B 115 -18.09 1.37 32.25
CA ILE B 115 -17.18 1.28 31.15
C ILE B 115 -16.31 0.05 31.36
N PHE B 116 -16.05 -0.68 30.30
CA PHE B 116 -15.38 -1.97 30.37
C PHE B 116 -14.16 -1.98 29.45
N ASP B 117 -13.12 -2.65 29.93
CA ASP B 117 -11.90 -2.75 29.16
C ASP B 117 -11.10 -4.02 29.52
N ILE B 118 -10.22 -4.40 28.61
CA ILE B 118 -9.48 -5.64 28.77
C ILE B 118 -8.16 -5.44 29.53
N ASN B 119 -7.74 -4.19 29.64
CA ASN B 119 -6.47 -3.83 30.29
C ASN B 119 -6.52 -3.74 31.83
N PRO B 120 -5.94 -4.72 32.53
CA PRO B 120 -5.87 -4.73 33.99
C PRO B 120 -5.48 -3.38 34.60
N ARG B 121 -4.69 -2.62 33.86
CA ARG B 121 -4.22 -1.31 34.31
C ARG B 121 -5.35 -0.43 34.69
N LEU B 122 -6.41 -0.44 33.91
CA LEU B 122 -7.45 0.57 34.08
C LEU B 122 -8.49 0.20 35.10
N PHE B 123 -8.57 -1.06 35.49
CA PHE B 123 -9.56 -1.49 36.44
C PHE B 123 -9.61 -0.62 37.67
N GLY B 124 -10.42 0.43 37.60
CA GLY B 124 -10.65 1.27 38.76
C GLY B 124 -10.56 2.72 38.40
N LEU B 125 -9.97 3.06 37.26
CA LEU B 125 -10.05 4.45 36.81
C LEU B 125 -11.48 4.91 36.99
N LYS B 126 -11.66 6.24 36.89
CA LYS B 126 -12.96 6.83 36.66
C LYS B 126 -12.94 7.67 35.38
N ILE B 127 -14.10 7.83 34.78
CA ILE B 127 -14.29 8.64 33.62
C ILE B 127 -15.66 9.22 33.85
N ARG B 128 -15.74 10.55 34.00
CA ARG B 128 -17.07 11.13 34.03
C ARG B 128 -17.71 10.58 35.30
N ASP B 129 -16.87 10.29 36.28
CA ASP B 129 -17.31 9.60 37.49
C ASP B 129 -17.97 8.25 37.18
N VAL B 130 -17.31 7.45 36.36
CA VAL B 130 -17.83 6.14 35.97
C VAL B 130 -16.63 5.21 36.03
N GLU B 131 -16.77 4.14 36.77
CA GLU B 131 -15.65 3.22 36.94
C GLU B 131 -15.37 2.40 35.69
N VAL B 132 -14.10 2.27 35.38
CA VAL B 132 -13.72 1.31 34.37
C VAL B 132 -13.64 -0.02 35.03
N MET B 133 -14.25 -1.04 34.44
CA MET B 133 -14.22 -2.38 35.06
C MET B 133 -13.72 -3.40 34.06
N ASP B 134 -13.23 -4.57 34.53
CA ASP B 134 -12.80 -5.68 33.68
C ASP B 134 -14.00 -6.18 32.87
N VAL B 135 -13.84 -6.17 31.55
CA VAL B 135 -14.77 -6.70 30.58
C VAL B 135 -15.14 -8.16 30.93
N GLU B 136 -14.28 -8.91 31.64
CA GLU B 136 -14.71 -10.28 32.04
C GLU B 136 -15.92 -10.24 33.02
N THR B 137 -16.22 -9.09 33.64
CA THR B 137 -17.40 -9.03 34.53
C THR B 137 -18.65 -8.49 33.83
N VAL B 138 -18.57 -8.24 32.53
CA VAL B 138 -19.65 -7.45 31.94
C VAL B 138 -20.99 -8.23 31.89
N GLU B 139 -20.95 -9.53 31.73
CA GLU B 139 -22.21 -10.27 31.60
C GLU B 139 -23.02 -10.20 32.88
N ASP B 140 -22.31 -10.41 33.99
CA ASP B 140 -22.96 -10.28 35.29
C ASP B 140 -23.50 -8.84 35.49
N PHE B 141 -22.72 -7.86 35.06
CA PHE B 141 -23.07 -6.47 35.30
C PHE B 141 -24.36 -6.13 34.52
N ILE B 142 -24.45 -6.62 33.29
CA ILE B 142 -25.62 -6.33 32.43
C ILE B 142 -26.90 -6.78 33.09
N ALA B 143 -26.89 -8.00 33.61
CA ALA B 143 -28.06 -8.63 34.20
C ALA B 143 -28.36 -7.97 35.54
N ARG B 144 -27.35 -7.58 36.30
CA ARG B 144 -27.56 -6.94 37.62
C ARG B 144 -28.05 -5.51 37.53
N ASN B 145 -27.66 -4.82 36.46
CA ASN B 145 -27.96 -3.38 36.34
C ASN B 145 -28.97 -2.99 35.27
N LYS B 146 -29.70 -3.96 34.75
CA LYS B 146 -30.73 -3.80 33.72
C LYS B 146 -30.21 -2.95 32.55
N ILE B 147 -29.07 -3.34 31.98
CA ILE B 147 -28.50 -2.58 30.86
C ILE B 147 -29.27 -2.84 29.56
N ASP B 148 -29.63 -1.75 28.89
CA ASP B 148 -30.36 -1.80 27.65
C ASP B 148 -29.41 -1.77 26.46
N ILE B 149 -28.41 -0.87 26.45
CA ILE B 149 -27.64 -0.58 25.22
C ILE B 149 -26.16 -0.82 25.51
N GLY B 150 -25.51 -1.69 24.73
CA GLY B 150 -24.02 -1.85 24.86
C GLY B 150 -23.41 -1.06 23.69
N ILE B 151 -22.51 -0.14 23.99
CA ILE B 151 -21.87 0.66 22.94
C ILE B 151 -20.47 0.11 22.72
N LEU B 152 -20.12 -0.25 21.48
CA LEU B 152 -18.88 -0.95 21.21
C LEU B 152 -17.86 0.03 20.68
N CYS B 153 -16.79 0.25 21.45
CA CYS B 153 -15.71 1.19 21.07
C CYS B 153 -14.35 0.47 21.18
N ILE B 154 -14.34 -0.81 20.87
CA ILE B 154 -13.11 -1.60 20.99
C ILE B 154 -12.51 -1.89 19.63
N PRO B 155 -11.29 -2.46 19.59
CA PRO B 155 -10.76 -2.79 18.26
C PRO B 155 -11.54 -3.93 17.63
N LYS B 156 -11.39 -4.15 16.32
CA LYS B 156 -12.09 -5.26 15.63
C LYS B 156 -11.71 -6.65 16.12
N ASP B 157 -10.48 -6.75 16.64
CA ASP B 157 -9.95 -7.97 17.26
C ASP B 157 -11.00 -8.90 17.88
N ASN B 158 -11.36 -8.71 19.13
CA ASN B 158 -12.44 -9.54 19.67
C ASN B 158 -13.82 -8.83 19.71
N ALA B 159 -14.18 -8.08 18.67
CA ALA B 159 -15.51 -7.48 18.57
C ALA B 159 -16.73 -8.39 18.41
N GLN B 160 -16.73 -9.33 17.49
CA GLN B 160 -17.86 -10.22 17.39
C GLN B 160 -17.99 -11.04 18.67
N TYR B 161 -16.86 -11.43 19.26
CA TYR B 161 -16.94 -12.21 20.49
C TYR B 161 -17.55 -11.33 21.59
N THR B 162 -17.16 -10.05 21.63
CA THR B 162 -17.71 -9.14 22.62
C THR B 162 -19.20 -8.96 22.39
N ALA B 163 -19.63 -8.81 21.13
CA ALA B 163 -21.07 -8.66 20.81
C ALA B 163 -21.80 -9.93 21.25
N ASP B 164 -21.19 -11.10 21.04
CA ASP B 164 -21.88 -12.37 21.44
C ASP B 164 -22.09 -12.45 22.94
N ARG B 165 -21.11 -12.00 23.73
CA ARG B 165 -21.20 -12.01 25.17
C ARG B 165 -22.32 -11.08 25.61
N LEU B 166 -22.37 -9.87 25.01
CA LEU B 166 -23.46 -8.94 25.46
C LEU B 166 -24.82 -9.51 25.16
N VAL B 167 -24.96 -10.11 23.98
CA VAL B 167 -26.21 -10.77 23.59
C VAL B 167 -26.61 -11.91 24.55
N ARG B 168 -25.69 -12.81 24.88
CA ARG B 168 -26.12 -13.91 25.75
C ARG B 168 -26.42 -13.40 27.17
N ALA B 169 -25.88 -12.23 27.55
CA ALA B 169 -26.22 -11.67 28.86
C ALA B 169 -27.56 -10.95 28.86
N GLY B 170 -28.22 -10.88 27.70
CA GLY B 170 -29.52 -10.25 27.62
C GLY B 170 -29.59 -8.83 27.12
N ILE B 171 -28.51 -8.35 26.50
CA ILE B 171 -28.51 -6.95 26.00
C ILE B 171 -29.64 -6.76 24.99
N LYS B 172 -30.22 -5.57 24.93
CA LYS B 172 -31.34 -5.37 23.94
C LYS B 172 -30.91 -4.66 22.66
N ALA B 173 -29.81 -3.91 22.73
CA ALA B 173 -29.33 -3.18 21.57
C ALA B 173 -27.84 -2.97 21.71
N ILE B 174 -27.20 -2.84 20.54
CA ILE B 174 -25.79 -2.56 20.45
C ILE B 174 -25.61 -1.40 19.51
N TRP B 175 -24.85 -0.42 20.00
CA TRP B 175 -24.48 0.74 19.15
C TRP B 175 -23.01 0.54 18.78
N ASN B 176 -22.74 0.23 17.52
CA ASN B 176 -21.45 -0.33 17.14
C ASN B 176 -20.61 0.73 16.40
N PHE B 177 -19.51 1.21 16.99
CA PHE B 177 -18.62 2.19 16.31
C PHE B 177 -17.51 1.59 15.43
N LEU B 178 -17.41 0.27 15.44
CA LEU B 178 -16.35 -0.36 14.67
C LEU B 178 -16.76 -0.48 13.23
N PRO B 179 -15.80 -0.26 12.32
CA PRO B 179 -16.06 -0.18 10.90
C PRO B 179 -16.30 -1.56 10.34
N ILE B 180 -16.99 -2.43 11.07
CA ILE B 180 -17.37 -3.76 10.62
C ILE B 180 -18.82 -4.14 11.04
N ASP B 181 -19.54 -4.82 10.18
CA ASP B 181 -20.93 -5.17 10.45
C ASP B 181 -21.10 -6.51 11.21
N LEU B 182 -21.46 -6.37 12.49
CA LEU B 182 -21.58 -7.49 13.45
C LEU B 182 -22.80 -8.39 13.22
N LYS B 183 -22.77 -9.62 13.71
CA LYS B 183 -23.90 -10.54 13.62
C LYS B 183 -24.58 -10.60 15.01
N VAL B 184 -25.89 -10.33 15.06
CA VAL B 184 -26.68 -10.49 16.30
C VAL B 184 -28.01 -11.13 15.88
N PRO B 185 -28.72 -11.70 16.85
CA PRO B 185 -30.02 -12.31 16.58
C PRO B 185 -30.97 -11.21 16.14
N ASP B 186 -32.00 -11.60 15.42
CA ASP B 186 -32.91 -10.66 14.80
C ASP B 186 -33.65 -9.83 15.82
N ASP B 187 -33.72 -10.29 17.06
CA ASP B 187 -34.52 -9.55 18.04
C ASP B 187 -33.69 -8.45 18.73
N VAL B 188 -32.37 -8.49 18.56
CA VAL B 188 -31.46 -7.53 19.16
C VAL B 188 -31.32 -6.36 18.18
N ILE B 189 -31.44 -5.14 18.66
CA ILE B 189 -31.26 -3.98 17.77
C ILE B 189 -29.77 -3.77 17.52
N LEU B 190 -29.32 -3.70 16.25
CA LEU B 190 -27.89 -3.43 16.03
C LEU B 190 -27.79 -2.19 15.17
N GLU B 191 -27.17 -1.13 15.69
CA GLU B 191 -27.04 0.10 14.89
C GLU B 191 -25.55 0.31 14.63
N ASN B 192 -25.14 0.13 13.37
CA ASN B 192 -23.76 0.31 12.98
C ASN B 192 -23.53 1.75 12.61
N VAL B 193 -22.55 2.34 13.29
CA VAL B 193 -22.21 3.69 12.93
C VAL B 193 -21.26 3.52 11.76
N HIS B 194 -21.53 4.30 10.75
CA HIS B 194 -20.78 4.22 9.52
C HIS B 194 -20.29 5.66 9.32
N LEU B 195 -19.30 6.12 10.09
CA LEU B 195 -18.72 7.46 9.85
C LEU B 195 -18.25 7.70 8.41
N SER B 196 -17.69 6.67 7.78
CA SER B 196 -17.29 6.83 6.37
C SER B 196 -18.46 7.23 5.47
N ASP B 197 -19.69 6.89 5.83
CA ASP B 197 -20.83 7.31 4.99
C ASP B 197 -20.85 8.86 4.96
N SER B 198 -20.49 9.50 6.08
CA SER B 198 -20.37 11.00 6.08
C SER B 198 -19.12 11.50 5.33
N LEU B 199 -17.96 10.93 5.66
CA LEU B 199 -16.71 11.32 5.04
C LEU B 199 -16.78 11.20 3.52
N PHE B 200 -17.38 10.11 3.04
CA PHE B 200 -17.37 9.89 1.59
C PHE B 200 -18.22 10.88 0.83
N THR B 201 -19.12 11.59 1.54
CA THR B 201 -19.78 12.69 0.85
C THR B 201 -18.93 13.89 0.67
N VAL B 202 -17.85 14.03 1.44
CA VAL B 202 -16.97 15.16 1.23
C VAL B 202 -16.12 14.79 -0.03
N SER B 203 -15.61 13.58 -0.15
CA SER B 203 -14.89 13.24 -1.39
C SER B 203 -15.82 13.43 -2.61
N TYR B 204 -17.09 13.07 -2.44
CA TYR B 204 -18.02 13.20 -3.54
C TYR B 204 -18.14 14.64 -4.00
N ARG B 205 -18.25 15.54 -3.02
CA ARG B 205 -18.50 16.93 -3.35
C ARG B 205 -17.28 17.68 -3.84
N LEU B 206 -16.09 17.28 -3.38
CA LEU B 206 -14.85 17.80 -3.93
C LEU B 206 -14.67 17.45 -5.41
N ASN B 207 -15.33 16.40 -5.88
CA ASN B 207 -15.14 15.93 -7.27
C ASN B 207 -16.31 16.05 -8.16
N GLU B 208 -17.42 16.52 -7.62
CA GLU B 208 -18.63 16.47 -8.41
C GLU B 208 -18.51 17.23 -9.74
N GLU B 209 -17.95 18.45 -9.71
CA GLU B 209 -18.02 19.28 -10.91
C GLU B 209 -17.14 18.63 -11.96
N GLU B 210 -15.95 18.18 -11.55
CA GLU B 210 -15.17 17.34 -12.42
C GLU B 210 -15.99 16.19 -13.00
N LEU B 211 -16.66 15.42 -12.15
CA LEU B 211 -17.36 14.22 -12.58
C LEU B 211 -18.33 14.53 -13.72
N PHE B 212 -19.05 15.63 -13.60
CA PHE B 212 -20.02 16.03 -14.62
C PHE B 212 -19.40 16.85 -15.75
N LYS B 213 -18.13 17.24 -15.63
CA LYS B 213 -17.36 17.84 -16.71
C LYS B 213 -16.74 16.68 -17.49
N LYS B 214 -16.12 15.74 -16.78
CA LYS B 214 -15.70 14.45 -17.34
C LYS B 214 -16.86 13.84 -18.14
N LEU B 215 -17.65 13.00 -17.47
CA LEU B 215 -18.84 12.36 -18.07
C LEU B 215 -19.07 12.71 -19.53
N LYS C 4 20.82 6.82 -27.83
CA LYS C 4 22.20 6.47 -27.37
C LYS C 4 22.73 5.19 -28.06
N THR C 5 21.82 4.30 -28.49
CA THR C 5 22.19 3.08 -29.22
C THR C 5 21.36 2.94 -30.51
N ILE C 6 21.93 2.31 -31.53
CA ILE C 6 21.19 2.00 -32.77
C ILE C 6 20.10 0.98 -32.52
N VAL C 7 20.42 -0.08 -31.80
CA VAL C 7 19.39 -1.05 -31.45
C VAL C 7 18.84 -0.72 -30.07
N SER C 8 17.57 -1.01 -29.84
CA SER C 8 16.96 -0.71 -28.54
C SER C 8 17.55 -1.60 -27.42
N MET C 9 17.63 -1.02 -26.21
CA MET C 9 18.17 -1.75 -25.05
C MET C 9 17.38 -3.03 -24.76
N ALA C 10 16.07 -3.00 -25.02
CA ALA C 10 15.30 -4.24 -24.79
C ALA C 10 15.92 -5.38 -25.57
N VAL C 11 16.26 -5.13 -26.83
CA VAL C 11 16.87 -6.18 -27.64
C VAL C 11 18.29 -6.49 -27.17
N ILE C 12 19.09 -5.45 -27.00
CA ILE C 12 20.47 -5.59 -26.49
C ILE C 12 20.55 -6.49 -25.25
N ARG C 13 19.64 -6.33 -24.29
CA ARG C 13 19.77 -7.16 -23.07
C ARG C 13 19.36 -8.60 -23.28
N ARG C 14 18.60 -8.91 -24.33
CA ARG C 14 18.26 -10.32 -24.59
C ARG C 14 19.43 -11.05 -25.26
N LEU C 15 20.28 -10.30 -25.95
CA LEU C 15 21.39 -10.91 -26.71
C LEU C 15 22.39 -11.77 -25.91
N PRO C 16 22.88 -11.30 -24.72
CA PRO C 16 23.71 -12.19 -23.96
C PRO C 16 22.96 -13.41 -23.51
N ARG C 17 21.64 -13.33 -23.30
CA ARG C 17 20.90 -14.50 -22.87
C ARG C 17 20.82 -15.51 -24.05
N TYR C 18 20.64 -15.03 -25.27
CA TYR C 18 20.69 -15.93 -26.44
C TYR C 18 22.06 -16.64 -26.48
N HIS C 19 23.10 -15.83 -26.34
CA HIS C 19 24.46 -16.35 -26.44
C HIS C 19 24.72 -17.41 -25.38
N ARG C 20 24.25 -17.15 -24.14
CA ARG C 20 24.46 -18.10 -23.04
C ARG C 20 23.79 -19.45 -23.38
N TYR C 21 22.52 -19.39 -23.78
CA TYR C 21 21.82 -20.64 -24.03
C TYR C 21 22.44 -21.37 -25.22
N LEU C 22 22.79 -20.65 -26.29
CA LEU C 22 23.45 -21.27 -27.47
C LEU C 22 24.82 -21.85 -27.11
N GLU C 23 25.47 -21.23 -26.13
CA GLU C 23 26.74 -21.76 -25.69
C GLU C 23 26.56 -23.11 -25.04
N GLU C 24 25.53 -23.23 -24.22
CA GLU C 24 25.20 -24.54 -23.66
C GLU C 24 24.78 -25.60 -24.71
N LEU C 25 23.89 -25.24 -25.62
CA LEU C 25 23.52 -26.14 -26.71
C LEU C 25 24.77 -26.59 -27.45
N LEU C 26 25.65 -25.64 -27.74
CA LEU C 26 26.89 -25.92 -28.43
C LEU C 26 27.70 -26.94 -27.64
N LYS C 27 27.82 -26.74 -26.33
CA LYS C 27 28.60 -27.67 -25.52
C LYS C 27 27.99 -29.07 -25.49
N ASN C 28 26.67 -29.16 -25.54
CA ASN C 28 25.96 -30.45 -25.59
C ASN C 28 25.82 -31.08 -26.97
N ASP C 29 26.53 -30.52 -27.95
CA ASP C 29 26.47 -30.99 -29.33
C ASP C 29 25.08 -30.99 -29.97
N VAL C 30 24.22 -30.06 -29.57
CA VAL C 30 22.94 -29.86 -30.24
C VAL C 30 23.24 -29.05 -31.54
N LYS C 31 22.96 -29.66 -32.71
CA LYS C 31 23.35 -29.09 -34.00
C LYS C 31 22.43 -27.98 -34.46
N ARG C 32 21.13 -28.16 -34.23
CA ARG C 32 20.13 -27.21 -34.68
C ARG C 32 19.09 -26.92 -33.61
N ILE C 33 18.48 -25.73 -33.71
CA ILE C 33 17.36 -25.40 -32.85
C ILE C 33 16.35 -24.58 -33.64
N SER C 34 15.08 -24.97 -33.53
CA SER C 34 13.97 -24.28 -34.18
C SER C 34 13.61 -23.05 -33.38
N SER C 35 12.96 -22.13 -34.08
CA SER C 35 12.43 -20.89 -33.51
C SER C 35 11.52 -21.23 -32.31
N ARG C 36 10.79 -22.33 -32.45
CA ARG C 36 9.88 -22.83 -31.45
C ARG C 36 10.59 -23.22 -30.18
N GLU C 37 11.52 -24.18 -30.31
CA GLU C 37 12.22 -24.78 -29.18
C GLU C 37 13.03 -23.74 -28.46
N LEU C 38 13.53 -22.76 -29.21
CA LEU C 38 14.35 -21.71 -28.64
C LEU C 38 13.44 -20.71 -27.93
N SER C 39 12.39 -20.28 -28.62
CA SER C 39 11.43 -19.26 -28.14
C SER C 39 10.89 -19.72 -26.80
N GLU C 40 10.70 -21.03 -26.70
CA GLU C 40 10.36 -21.67 -25.45
C GLU C 40 11.32 -21.29 -24.32
N LYS C 41 12.55 -21.78 -24.40
CA LYS C 41 13.51 -21.58 -23.33
C LYS C 41 13.67 -20.09 -23.04
N MET C 42 13.74 -19.27 -24.08
CA MET C 42 13.87 -17.83 -23.87
C MET C 42 12.58 -17.11 -23.36
N GLY C 43 11.41 -17.77 -23.44
CA GLY C 43 10.14 -17.07 -23.20
C GLY C 43 10.16 -15.73 -23.94
N VAL C 44 10.70 -15.75 -25.16
CA VAL C 44 10.56 -14.71 -26.16
C VAL C 44 9.70 -15.33 -27.28
N THR C 45 8.81 -14.56 -27.91
CA THR C 45 8.04 -15.08 -29.05
C THR C 45 9.03 -15.37 -30.17
N ALA C 46 8.66 -16.33 -31.03
CA ALA C 46 9.54 -16.77 -32.10
C ALA C 46 9.81 -15.66 -33.13
N SER C 47 8.81 -14.82 -33.41
CA SER C 47 9.01 -13.62 -34.25
C SER C 47 9.90 -12.54 -33.60
N GLN C 48 9.79 -12.38 -32.27
CA GLN C 48 10.68 -11.44 -31.55
C GLN C 48 12.16 -11.85 -31.66
N ILE C 49 12.41 -13.15 -31.48
CA ILE C 49 13.74 -13.72 -31.79
C ILE C 49 14.15 -13.35 -33.18
N ARG C 50 13.25 -13.62 -34.15
CA ARG C 50 13.61 -13.35 -35.52
C ARG C 50 13.75 -11.84 -35.69
N GLN C 51 12.87 -11.07 -35.07
CA GLN C 51 13.05 -9.61 -35.17
C GLN C 51 14.39 -9.16 -34.58
N ASP C 52 14.73 -9.68 -33.41
CA ASP C 52 16.02 -9.36 -32.71
C ASP C 52 17.18 -9.59 -33.63
N LEU C 53 17.24 -10.81 -34.18
CA LEU C 53 18.34 -11.10 -35.08
C LEU C 53 18.25 -10.30 -36.35
N ASN C 54 17.05 -9.92 -36.79
CA ASN C 54 16.92 -9.10 -38.02
C ASN C 54 17.79 -7.88 -37.99
N ASN C 55 18.06 -7.38 -36.79
CA ASN C 55 18.73 -6.09 -36.63
C ASN C 55 20.13 -6.16 -37.21
N PHE C 56 20.60 -7.41 -37.33
CA PHE C 56 21.95 -7.71 -37.74
C PHE C 56 21.97 -8.66 -38.95
N GLY C 57 20.80 -8.90 -39.58
CA GLY C 57 20.70 -9.57 -40.91
C GLY C 57 20.44 -11.07 -40.92
N GLY C 58 21.32 -11.82 -41.60
CA GLY C 58 21.32 -13.29 -41.56
C GLY C 58 22.71 -13.92 -41.76
N GLY C 65 15.28 -23.84 -38.94
CA GLY C 65 15.59 -23.05 -37.73
C GLY C 65 17.02 -22.53 -37.78
N TYR C 66 17.79 -22.72 -36.70
CA TYR C 66 19.12 -22.16 -36.61
C TYR C 66 20.18 -23.26 -36.49
N ASN C 67 21.29 -23.14 -37.22
CA ASN C 67 22.47 -23.91 -36.89
C ASN C 67 23.07 -23.35 -35.60
N VAL C 68 23.21 -24.18 -34.57
CA VAL C 68 23.59 -23.70 -33.24
C VAL C 68 24.96 -23.02 -33.28
N GLU C 69 25.94 -23.71 -33.86
CA GLU C 69 27.28 -23.18 -33.84
C GLU C 69 27.44 -21.84 -34.61
N GLU C 70 26.75 -21.73 -35.74
CA GLU C 70 26.78 -20.55 -36.59
C GLU C 70 26.10 -19.40 -35.83
N LEU C 71 24.94 -19.68 -35.24
CA LEU C 71 24.24 -18.64 -34.48
C LEU C 71 25.09 -18.17 -33.28
N TYR C 72 25.70 -19.11 -32.56
CA TYR C 72 26.56 -18.77 -31.47
C TYR C 72 27.71 -17.84 -31.89
N ASN C 73 28.42 -18.22 -32.96
CA ASN C 73 29.51 -17.40 -33.48
C ASN C 73 29.04 -16.00 -33.93
N ASN C 74 27.88 -15.90 -34.58
CA ASN C 74 27.33 -14.60 -34.96
C ASN C 74 27.04 -13.77 -33.70
N LEU C 75 26.51 -14.45 -32.68
CA LEU C 75 26.17 -13.77 -31.42
C LEU C 75 27.43 -13.26 -30.70
N THR C 76 28.49 -14.04 -30.71
CA THR C 76 29.79 -13.63 -30.19
C THR C 76 30.31 -12.32 -30.84
N LYS C 77 30.14 -12.22 -32.14
CA LYS C 77 30.68 -11.12 -32.91
C LYS C 77 29.75 -9.96 -32.69
N ILE C 78 28.44 -10.20 -32.60
CA ILE C 78 27.50 -9.12 -32.36
C ILE C 78 27.77 -8.45 -30.99
N LEU C 79 28.11 -9.27 -29.99
CA LEU C 79 28.34 -8.79 -28.62
C LEU C 79 29.71 -8.14 -28.45
N GLY C 80 30.49 -8.07 -29.54
CA GLY C 80 31.83 -7.50 -29.56
C GLY C 80 32.84 -8.38 -28.87
N LEU C 81 32.55 -9.67 -28.80
CA LEU C 81 33.39 -10.57 -28.02
C LEU C 81 34.51 -11.20 -28.87
N ASP C 82 34.70 -10.72 -30.08
CA ASP C 82 35.90 -11.09 -30.85
C ASP C 82 37.05 -10.12 -30.63
N LYS C 83 36.81 -9.12 -29.79
CA LYS C 83 37.81 -8.15 -29.45
C LYS C 83 38.17 -8.34 -28.00
N THR C 84 39.17 -7.55 -27.61
CA THR C 84 39.73 -7.53 -26.28
C THR C 84 39.41 -6.16 -25.64
N TYR C 85 39.11 -6.12 -24.33
CA TYR C 85 38.80 -4.84 -23.70
C TYR C 85 39.76 -4.66 -22.54
N ASN C 86 40.26 -3.44 -22.36
CA ASN C 86 41.15 -3.14 -21.23
C ASN C 86 40.31 -2.56 -20.12
N THR C 87 40.33 -3.21 -18.96
CA THR C 87 39.59 -2.70 -17.82
C THR C 87 40.47 -2.18 -16.67
N ILE C 88 39.89 -1.31 -15.85
CA ILE C 88 40.45 -1.07 -14.53
C ILE C 88 39.32 -1.15 -13.53
N ILE C 89 39.69 -1.40 -12.28
CA ILE C 89 38.76 -1.44 -11.15
C ILE C 89 39.14 -0.33 -10.21
N ILE C 90 38.13 0.44 -9.82
CA ILE C 90 38.31 1.46 -8.80
C ILE C 90 37.68 0.97 -7.52
N GLY C 91 38.48 0.84 -6.45
CA GLY C 91 38.08 0.31 -5.17
C GLY C 91 38.58 -1.11 -4.96
N ALA C 92 39.43 -1.28 -3.97
CA ALA C 92 40.08 -2.55 -3.73
C ALA C 92 39.52 -3.12 -2.41
N GLY C 93 38.26 -2.83 -2.09
CA GLY C 93 37.57 -3.43 -0.93
C GLY C 93 37.21 -4.84 -1.34
N ASN C 94 36.31 -5.51 -0.60
CA ASN C 94 35.95 -6.89 -0.90
C ASN C 94 35.28 -6.99 -2.28
N LEU C 95 34.40 -6.04 -2.60
CA LEU C 95 33.73 -6.15 -3.90
C LEU C 95 34.77 -6.00 -5.03
N GLY C 96 35.63 -4.99 -4.95
CA GLY C 96 36.63 -4.81 -6.04
C GLY C 96 37.54 -6.00 -6.15
N GLN C 97 37.97 -6.54 -5.03
CA GLN C 97 38.78 -7.77 -5.16
C GLN C 97 38.03 -8.96 -5.72
N ALA C 98 36.77 -9.13 -5.29
CA ALA C 98 35.93 -10.19 -5.85
C ALA C 98 35.83 -10.03 -7.37
N ILE C 99 35.70 -8.80 -7.86
CA ILE C 99 35.55 -8.66 -9.32
C ILE C 99 36.90 -8.88 -10.00
N ALA C 100 37.99 -8.40 -9.39
CA ALA C 100 39.32 -8.74 -9.91
C ALA C 100 39.52 -10.25 -10.08
N ASN C 101 39.08 -11.05 -9.10
CA ASN C 101 39.37 -12.50 -9.09
C ASN C 101 38.30 -13.32 -9.80
N TYR C 102 37.38 -12.62 -10.50
CA TYR C 102 36.32 -13.24 -11.25
C TYR C 102 36.82 -13.55 -12.68
N THR C 103 37.66 -14.58 -12.79
CA THR C 103 38.48 -14.76 -14.00
C THR C 103 37.75 -15.27 -15.24
N SER C 104 36.49 -15.72 -15.09
CA SER C 104 35.70 -16.00 -16.28
C SER C 104 35.63 -14.79 -17.20
N PHE C 105 35.62 -13.56 -16.66
CA PHE C 105 35.58 -12.34 -17.50
C PHE C 105 36.84 -12.24 -18.36
N GLU C 106 38.02 -12.40 -17.71
CA GLU C 106 39.32 -12.44 -18.42
C GLU C 106 39.23 -13.42 -19.56
N LYS C 107 38.80 -14.64 -19.24
CA LYS C 107 38.60 -15.68 -20.25
C LYS C 107 37.74 -15.21 -21.43
N SER C 108 36.79 -14.30 -21.14
CA SER C 108 35.88 -13.78 -22.17
C SER C 108 36.51 -12.63 -22.94
N GLY C 109 37.67 -12.17 -22.51
CA GLY C 109 38.39 -11.13 -23.27
C GLY C 109 38.46 -9.76 -22.60
N PHE C 110 38.23 -9.70 -21.30
CA PHE C 110 38.27 -8.42 -20.63
C PHE C 110 39.55 -8.40 -19.79
N ASN C 111 40.51 -7.57 -20.15
CA ASN C 111 41.81 -7.66 -19.46
C ASN C 111 41.98 -6.55 -18.45
N LEU C 112 42.10 -6.95 -17.19
CA LEU C 112 42.33 -6.02 -16.09
C LEU C 112 43.74 -5.44 -16.11
N LYS C 113 43.85 -4.13 -16.14
CA LYS C 113 45.13 -3.44 -16.30
C LYS C 113 45.61 -2.75 -15.03
N GLY C 114 44.70 -2.48 -14.10
CA GLY C 114 45.08 -1.78 -12.87
C GLY C 114 43.92 -1.78 -11.93
N ILE C 115 44.22 -1.66 -10.65
CA ILE C 115 43.25 -1.49 -9.59
C ILE C 115 43.66 -0.22 -8.84
N PHE C 116 42.69 0.58 -8.44
CA PHE C 116 42.95 1.85 -7.78
C PHE C 116 42.17 1.95 -6.50
N ASP C 117 42.81 2.56 -5.52
CA ASP C 117 42.22 2.75 -4.21
C ASP C 117 42.70 4.05 -3.63
N ILE C 118 41.88 4.68 -2.79
CA ILE C 118 42.34 5.84 -2.05
C ILE C 118 43.31 5.56 -0.87
N ASN C 119 43.33 4.35 -0.34
CA ASN C 119 44.02 4.08 0.93
C ASN C 119 45.50 3.71 0.74
N PRO C 120 46.40 4.59 1.18
CA PRO C 120 47.83 4.37 0.93
C PRO C 120 48.38 3.06 1.48
N ARG C 121 47.79 2.51 2.53
CA ARG C 121 48.28 1.22 3.04
C ARG C 121 48.26 0.14 1.97
N LEU C 122 47.41 0.31 0.96
CA LEU C 122 47.24 -0.72 -0.06
C LEU C 122 48.19 -0.55 -1.26
N PHE C 123 48.79 0.63 -1.40
CA PHE C 123 49.50 0.95 -2.64
C PHE C 123 50.64 -0.03 -2.86
N GLY C 124 50.75 -0.48 -4.11
CA GLY C 124 51.83 -1.36 -4.45
C GLY C 124 51.60 -2.82 -4.19
N LEU C 125 50.57 -3.18 -3.41
CA LEU C 125 50.21 -4.61 -3.31
C LEU C 125 49.57 -5.09 -4.60
N LYS C 126 49.63 -6.39 -4.88
CA LYS C 126 49.15 -6.94 -6.15
C LYS C 126 48.00 -7.90 -5.89
N ILE C 127 47.01 -7.89 -6.78
CA ILE C 127 45.91 -8.85 -6.77
C ILE C 127 46.02 -9.48 -8.14
N ARG C 128 46.38 -10.77 -8.17
CA ARG C 128 46.58 -11.47 -9.44
C ARG C 128 47.59 -10.79 -10.36
N ASP C 129 48.69 -10.33 -9.78
CA ASP C 129 49.71 -9.65 -10.56
C ASP C 129 49.26 -8.29 -11.08
N VAL C 130 48.12 -7.79 -10.64
CA VAL C 130 47.73 -6.41 -10.97
C VAL C 130 47.99 -5.54 -9.75
N GLU C 131 48.72 -4.45 -9.93
CA GLU C 131 49.13 -3.67 -8.78
C GLU C 131 47.99 -2.75 -8.35
N VAL C 132 47.81 -2.62 -7.05
CA VAL C 132 46.94 -1.56 -6.51
C VAL C 132 47.63 -0.17 -6.51
N MET C 133 47.02 0.83 -7.16
CA MET C 133 47.69 2.15 -7.27
C MET C 133 46.79 3.22 -6.68
N ASP C 134 47.40 4.34 -6.33
CA ASP C 134 46.66 5.48 -5.88
C ASP C 134 45.62 5.95 -6.91
N VAL C 135 44.36 6.03 -6.51
CA VAL C 135 43.34 6.56 -7.38
C VAL C 135 43.67 8.02 -7.81
N GLU C 136 44.39 8.76 -6.98
CA GLU C 136 44.86 10.07 -7.43
C GLU C 136 45.71 10.01 -8.72
N THR C 137 46.25 8.84 -9.05
CA THR C 137 47.01 8.72 -10.30
C THR C 137 46.18 8.14 -11.48
N VAL C 138 44.90 7.82 -11.25
CA VAL C 138 44.09 7.18 -12.27
C VAL C 138 43.98 7.88 -13.65
N GLU C 139 43.84 9.20 -13.65
CA GLU C 139 43.73 9.99 -14.87
C GLU C 139 44.96 9.87 -15.79
N ASP C 140 46.15 9.86 -15.21
CA ASP C 140 47.37 9.58 -15.96
C ASP C 140 47.37 8.19 -16.53
N PHE C 141 47.12 7.20 -15.67
CA PHE C 141 47.17 5.81 -16.07
C PHE C 141 46.26 5.61 -17.28
N ILE C 142 45.06 6.21 -17.26
CA ILE C 142 44.11 5.97 -18.34
C ILE C 142 44.64 6.52 -19.68
N ALA C 143 45.39 7.62 -19.66
CA ALA C 143 45.84 8.14 -20.96
C ALA C 143 46.89 7.18 -21.54
N ARG C 144 47.96 6.98 -20.78
CA ARG C 144 49.10 6.19 -21.22
C ARG C 144 48.85 4.69 -21.36
N ASN C 145 47.59 4.25 -21.20
CA ASN C 145 47.24 2.83 -21.27
C ASN C 145 45.98 2.40 -22.04
N LYS C 146 45.35 3.27 -22.81
CA LYS C 146 44.17 2.84 -23.61
C LYS C 146 43.19 1.96 -22.79
N ILE C 147 42.52 2.53 -21.81
CA ILE C 147 41.54 1.81 -20.99
C ILE C 147 40.15 2.00 -21.54
N ASP C 148 39.42 0.91 -21.76
CA ASP C 148 38.05 1.01 -22.30
C ASP C 148 36.95 1.12 -21.27
N ILE C 149 37.07 0.38 -20.17
CA ILE C 149 35.98 0.25 -19.21
C ILE C 149 36.48 0.52 -17.79
N GLY C 150 35.84 1.45 -17.07
CA GLY C 150 36.12 1.65 -15.65
C GLY C 150 35.05 0.96 -14.81
N ILE C 151 35.48 0.11 -13.91
CA ILE C 151 34.55 -0.66 -13.06
C ILE C 151 34.53 -0.03 -11.68
N LEU C 152 33.37 0.44 -11.25
CA LEU C 152 33.28 1.15 -9.97
C LEU C 152 32.87 0.23 -8.84
N CYS C 153 33.75 0.11 -7.84
CA CYS C 153 33.52 -0.72 -6.68
C CYS C 153 33.90 0.08 -5.42
N ILE C 154 33.64 1.38 -5.45
CA ILE C 154 33.95 2.28 -4.32
C ILE C 154 32.68 2.55 -3.53
N PRO C 155 32.82 3.12 -2.31
CA PRO C 155 31.67 3.66 -1.56
C PRO C 155 30.84 4.70 -2.33
N LYS C 156 29.58 4.81 -2.00
CA LYS C 156 28.70 5.81 -2.65
C LYS C 156 29.20 7.26 -2.62
N ASP C 157 30.18 7.56 -1.75
CA ASP C 157 30.47 8.95 -1.35
C ASP C 157 31.37 9.81 -2.23
N ASN C 158 32.27 9.19 -2.98
CA ASN C 158 32.90 9.95 -4.05
C ASN C 158 32.80 9.24 -5.38
N ALA C 159 31.73 8.46 -5.52
CA ALA C 159 31.51 7.76 -6.78
C ALA C 159 31.23 8.75 -7.89
N GLN C 160 30.43 9.81 -7.66
CA GLN C 160 30.18 10.73 -8.76
C GLN C 160 31.42 11.56 -9.11
N TYR C 161 32.11 12.07 -8.09
CA TYR C 161 33.41 12.73 -8.30
C TYR C 161 34.40 11.82 -9.06
N THR C 162 34.48 10.55 -8.64
CA THR C 162 35.28 9.54 -9.37
C THR C 162 34.82 9.28 -10.81
N ALA C 163 33.53 9.03 -11.01
CA ALA C 163 33.03 8.86 -12.38
C ALA C 163 33.38 10.10 -13.19
N ASP C 164 33.29 11.28 -12.57
CA ASP C 164 33.59 12.53 -13.27
C ASP C 164 35.03 12.46 -13.75
N ARG C 165 35.91 11.95 -12.90
CA ARG C 165 37.35 11.92 -13.22
C ARG C 165 37.64 10.92 -14.33
N LEU C 166 37.05 9.70 -14.25
CA LEU C 166 37.22 8.76 -15.38
C LEU C 166 36.79 9.34 -16.71
N VAL C 167 35.64 10.02 -16.73
CA VAL C 167 35.09 10.60 -17.95
C VAL C 167 36.01 11.70 -18.51
N ARG C 168 36.52 12.53 -17.60
CA ARG C 168 37.48 13.60 -17.95
C ARG C 168 38.70 13.02 -18.66
N ALA C 169 39.20 11.87 -18.17
CA ALA C 169 40.32 11.16 -18.76
C ALA C 169 39.92 10.38 -20.03
N GLY C 170 38.66 10.42 -20.44
CA GLY C 170 38.31 9.79 -21.70
C GLY C 170 37.78 8.35 -21.66
N ILE C 171 37.51 7.84 -20.48
CA ILE C 171 36.86 6.51 -20.37
C ILE C 171 35.57 6.50 -21.17
N LYS C 172 35.35 5.45 -21.97
CA LYS C 172 34.13 5.28 -22.76
C LYS C 172 32.93 4.54 -22.09
N ALA C 173 33.20 3.81 -21.01
CA ALA C 173 32.23 2.85 -20.46
C ALA C 173 32.47 2.70 -18.98
N ILE C 174 31.41 2.83 -18.20
CA ILE C 174 31.55 2.65 -16.76
C ILE C 174 30.62 1.48 -16.38
N TRP C 175 31.18 0.49 -15.69
CA TRP C 175 30.37 -0.63 -15.19
C TRP C 175 30.24 -0.41 -13.71
N ASN C 176 29.05 -0.05 -13.26
CA ASN C 176 28.89 0.48 -11.93
C ASN C 176 28.16 -0.47 -10.99
N PHE C 177 28.81 -0.83 -9.89
CA PHE C 177 28.23 -1.81 -8.97
C PHE C 177 27.59 -1.13 -7.79
N LEU C 178 27.61 0.22 -7.77
CA LEU C 178 26.91 1.02 -6.74
C LEU C 178 25.45 1.43 -7.02
N PRO C 179 24.58 1.30 -6.00
CA PRO C 179 23.17 1.63 -6.26
C PRO C 179 22.91 3.13 -6.10
N ILE C 180 23.33 3.82 -7.13
CA ILE C 180 23.42 5.27 -7.16
C ILE C 180 23.30 5.63 -8.64
N ASP C 181 22.62 6.74 -8.89
CA ASP C 181 22.27 7.07 -10.26
C ASP C 181 23.31 8.03 -10.81
N LEU C 182 24.41 7.49 -11.33
CA LEU C 182 25.52 8.35 -11.75
C LEU C 182 25.13 9.14 -12.97
N LYS C 183 25.70 10.33 -13.11
CA LYS C 183 25.56 11.07 -14.35
C LYS C 183 26.83 11.11 -15.19
N VAL C 184 26.69 10.81 -16.48
CA VAL C 184 27.82 10.75 -17.39
C VAL C 184 27.32 11.41 -18.66
N PRO C 185 28.22 11.98 -19.48
CA PRO C 185 27.74 12.60 -20.73
C PRO C 185 27.14 11.51 -21.61
N ASP C 186 26.51 11.94 -22.70
CA ASP C 186 25.80 11.06 -23.63
C ASP C 186 26.74 10.28 -24.56
N ASP C 187 28.04 10.55 -24.55
CA ASP C 187 28.93 9.66 -25.27
C ASP C 187 29.62 8.61 -24.35
N VAL C 188 29.20 8.54 -23.08
CA VAL C 188 29.70 7.48 -22.16
C VAL C 188 28.62 6.41 -21.92
N ILE C 189 29.03 5.15 -22.02
CA ILE C 189 28.17 4.01 -21.71
C ILE C 189 28.20 3.83 -20.19
N LEU C 190 27.04 3.89 -19.51
CA LEU C 190 26.99 3.55 -18.10
C LEU C 190 26.11 2.33 -17.95
N GLU C 191 26.64 1.30 -17.29
CA GLU C 191 25.85 0.11 -17.11
C GLU C 191 25.81 -0.12 -15.63
N ASN C 192 24.61 -0.11 -15.05
CA ASN C 192 24.49 -0.23 -13.62
C ASN C 192 24.10 -1.67 -13.26
N VAL C 193 24.75 -2.23 -12.26
CA VAL C 193 24.42 -3.61 -11.88
C VAL C 193 23.38 -3.58 -10.81
N HIS C 194 22.30 -4.38 -10.97
CA HIS C 194 21.28 -4.39 -9.93
C HIS C 194 21.05 -5.79 -9.43
N LEU C 195 21.82 -6.20 -8.43
CA LEU C 195 21.73 -7.59 -8.00
C LEU C 195 20.34 -7.84 -7.44
N SER C 196 19.66 -6.83 -6.89
CA SER C 196 18.34 -7.13 -6.31
C SER C 196 17.38 -7.62 -7.41
N ASP C 197 17.58 -7.23 -8.68
CA ASP C 197 16.68 -7.75 -9.72
C ASP C 197 16.69 -9.27 -9.67
N SER C 198 17.85 -9.87 -9.36
CA SER C 198 17.94 -11.34 -9.33
C SER C 198 17.41 -11.85 -7.97
N LEU C 199 17.84 -11.23 -6.88
CA LEU C 199 17.48 -11.73 -5.52
C LEU C 199 15.97 -11.67 -5.31
N PHE C 200 15.32 -10.66 -5.87
CA PHE C 200 13.90 -10.51 -5.64
C PHE C 200 13.07 -11.50 -6.45
N THR C 201 13.66 -12.18 -7.44
CA THR C 201 12.95 -13.32 -8.04
C THR C 201 12.93 -14.56 -7.13
N VAL C 202 13.84 -14.62 -6.16
CA VAL C 202 13.91 -15.74 -5.25
C VAL C 202 12.82 -15.58 -4.17
N SER C 203 12.76 -14.40 -3.56
CA SER C 203 11.60 -14.11 -2.68
C SER C 203 10.28 -14.31 -3.42
N TYR C 204 10.24 -13.92 -4.70
CA TYR C 204 8.95 -13.99 -5.41
C TYR C 204 8.60 -15.49 -5.45
N ARG C 205 9.57 -16.31 -5.86
CA ARG C 205 9.31 -17.73 -6.04
C ARG C 205 9.03 -18.47 -4.71
N LEU C 206 9.71 -18.04 -3.64
CA LEU C 206 9.49 -18.69 -2.32
C LEU C 206 8.08 -18.41 -1.86
N ASN C 207 7.58 -17.21 -2.20
CA ASN C 207 6.31 -16.68 -1.63
C ASN C 207 5.11 -16.95 -2.54
N GLU C 208 5.38 -17.44 -3.74
CA GLU C 208 4.35 -17.40 -4.82
C GLU C 208 3.14 -18.23 -4.40
N GLU C 209 3.37 -19.42 -3.86
CA GLU C 209 2.24 -20.23 -3.37
C GLU C 209 1.33 -19.54 -2.36
N GLU C 210 1.89 -18.91 -1.31
CA GLU C 210 1.11 -18.10 -0.36
C GLU C 210 0.44 -16.89 -1.00
N LEU C 211 1.14 -16.24 -1.93
CA LEU C 211 0.57 -15.09 -2.61
C LEU C 211 -0.72 -15.47 -3.32
N PHE C 212 -0.71 -16.58 -4.05
CA PHE C 212 -1.89 -17.04 -4.79
C PHE C 212 -3.01 -17.61 -3.92
N LYS C 213 -2.63 -18.27 -2.82
CA LYS C 213 -3.59 -18.68 -1.80
C LYS C 213 -4.30 -17.45 -1.22
N LYS C 214 -3.55 -16.38 -0.98
CA LYS C 214 -4.12 -15.15 -0.45
C LYS C 214 -5.03 -14.44 -1.47
N LEU C 215 -4.56 -14.31 -2.71
CA LEU C 215 -5.38 -13.75 -3.80
C LEU C 215 -6.63 -14.56 -4.11
N LYS C 216 -6.53 -15.88 -4.00
CA LYS C 216 -7.67 -16.80 -4.07
C LYS C 216 -8.60 -16.64 -2.84
N LYS D 4 7.31 -25.21 -13.03
CA LYS D 4 8.04 -24.91 -11.74
C LYS D 4 7.44 -23.66 -11.06
N THR D 5 6.77 -22.78 -11.83
CA THR D 5 6.17 -21.57 -11.26
C THR D 5 4.75 -21.37 -11.78
N ILE D 6 3.88 -20.71 -11.01
CA ILE D 6 2.54 -20.37 -11.55
C ILE D 6 2.65 -19.32 -12.67
N VAL D 7 3.39 -18.23 -12.44
CA VAL D 7 3.52 -17.17 -13.44
C VAL D 7 4.79 -17.47 -14.22
N SER D 8 4.91 -17.05 -15.48
CA SER D 8 6.12 -17.39 -16.26
C SER D 8 7.35 -16.62 -15.77
N MET D 9 8.55 -17.16 -15.99
CA MET D 9 9.79 -16.51 -15.50
C MET D 9 10.00 -15.19 -16.27
N ALA D 10 9.57 -15.13 -17.53
CA ALA D 10 9.75 -13.86 -18.28
C ALA D 10 8.99 -12.76 -17.55
N VAL D 11 7.80 -13.09 -17.06
CA VAL D 11 7.02 -12.13 -16.26
C VAL D 11 7.70 -11.82 -14.91
N ILE D 12 8.07 -12.87 -14.17
CA ILE D 12 8.72 -12.71 -12.87
C ILE D 12 9.99 -11.83 -12.96
N ARG D 13 10.82 -11.98 -14.01
CA ARG D 13 12.01 -11.10 -14.17
C ARG D 13 11.69 -9.63 -14.45
N ARG D 14 10.50 -9.31 -14.97
CA ARG D 14 10.18 -7.90 -15.15
C ARG D 14 9.74 -7.23 -13.84
N LEU D 15 9.14 -8.02 -12.95
CA LEU D 15 8.55 -7.46 -11.71
C LEU D 15 9.51 -6.64 -10.84
N PRO D 16 10.74 -7.15 -10.59
CA PRO D 16 11.65 -6.35 -9.79
C PRO D 16 12.10 -5.10 -10.54
N ARG D 17 12.15 -5.13 -11.86
CA ARG D 17 12.41 -3.90 -12.61
C ARG D 17 11.30 -2.88 -12.40
N TYR D 18 10.04 -3.29 -12.50
CA TYR D 18 8.99 -2.35 -12.18
C TYR D 18 9.16 -1.76 -10.76
N HIS D 19 9.44 -2.63 -9.79
CA HIS D 19 9.52 -2.24 -8.39
C HIS D 19 10.67 -1.25 -8.21
N ARG D 20 11.80 -1.53 -8.84
CA ARG D 20 12.98 -0.65 -8.75
C ARG D 20 12.74 0.76 -9.32
N TYR D 21 12.07 0.82 -10.46
CA TYR D 21 11.72 2.10 -11.07
C TYR D 21 10.66 2.88 -10.26
N LEU D 22 9.59 2.23 -9.82
CA LEU D 22 8.63 2.84 -8.89
C LEU D 22 9.24 3.36 -7.56
N GLU D 23 10.22 2.64 -7.02
CA GLU D 23 10.98 3.09 -5.87
C GLU D 23 11.58 4.49 -6.06
N GLU D 24 12.23 4.66 -7.21
CA GLU D 24 12.85 5.91 -7.60
C GLU D 24 11.79 7.02 -7.73
N LEU D 25 10.68 6.73 -8.40
CA LEU D 25 9.56 7.66 -8.46
C LEU D 25 9.01 7.98 -7.07
N LEU D 26 8.84 6.96 -6.25
CA LEU D 26 8.33 7.18 -4.92
C LEU D 26 9.27 8.10 -4.13
N LYS D 27 10.59 7.95 -4.32
CA LYS D 27 11.59 8.77 -3.62
C LYS D 27 11.54 10.23 -4.01
N ASN D 28 11.23 10.49 -5.28
CA ASN D 28 11.10 11.84 -5.79
C ASN D 28 9.69 12.37 -5.71
N ASP D 29 8.86 11.66 -4.97
CA ASP D 29 7.51 12.12 -4.68
C ASP D 29 6.62 12.34 -5.91
N VAL D 30 6.88 11.58 -6.97
CA VAL D 30 6.00 11.56 -8.15
C VAL D 30 4.76 10.73 -7.83
N LYS D 31 3.59 11.33 -7.96
CA LYS D 31 2.44 10.71 -7.34
C LYS D 31 1.86 9.62 -8.26
N ARG D 32 1.91 9.87 -9.55
CA ARG D 32 1.19 9.06 -10.51
C ARG D 32 2.16 8.76 -11.65
N ILE D 33 1.97 7.65 -12.36
CA ILE D 33 2.72 7.43 -13.59
C ILE D 33 1.80 6.88 -14.69
N SER D 34 1.88 7.45 -15.89
CA SER D 34 1.09 6.91 -17.03
C SER D 34 1.59 5.55 -17.48
N SER D 35 0.69 4.83 -18.14
CA SER D 35 1.04 3.59 -18.80
C SER D 35 2.11 3.85 -19.86
N ARG D 36 1.97 4.98 -20.56
CA ARG D 36 2.90 5.34 -21.61
C ARG D 36 4.32 5.65 -21.09
N GLU D 37 4.42 6.39 -19.98
CA GLU D 37 5.70 6.74 -19.37
C GLU D 37 6.39 5.46 -18.82
N LEU D 38 5.62 4.63 -18.13
CA LEU D 38 6.17 3.37 -17.63
C LEU D 38 6.69 2.46 -18.72
N SER D 39 5.89 2.31 -19.79
CA SER D 39 6.29 1.47 -20.89
C SER D 39 7.60 1.97 -21.52
N GLU D 40 7.65 3.28 -21.76
CA GLU D 40 8.84 3.98 -22.27
C GLU D 40 10.08 3.65 -21.42
N LYS D 41 9.98 3.83 -20.13
CA LYS D 41 11.09 3.51 -19.23
C LYS D 41 11.51 2.02 -19.23
N MET D 42 10.53 1.10 -19.24
CA MET D 42 10.81 -0.33 -19.06
C MET D 42 11.25 -1.00 -20.34
N GLY D 43 10.98 -0.37 -21.48
CA GLY D 43 11.15 -1.05 -22.76
C GLY D 43 10.17 -2.22 -22.94
N VAL D 44 9.00 -2.11 -22.32
CA VAL D 44 7.95 -3.15 -22.35
C VAL D 44 6.66 -2.43 -22.82
N THR D 45 5.93 -3.00 -23.77
CA THR D 45 4.63 -2.40 -24.20
C THR D 45 3.68 -2.14 -23.02
N ALA D 46 2.90 -1.06 -23.11
CA ALA D 46 1.90 -0.76 -22.09
C ALA D 46 0.96 -1.97 -21.90
N SER D 47 0.57 -2.62 -22.98
CA SER D 47 -0.36 -3.78 -22.85
C SER D 47 0.29 -4.96 -22.10
N GLN D 48 1.59 -5.22 -22.36
CA GLN D 48 2.28 -6.33 -21.69
C GLN D 48 2.42 -5.98 -20.23
N ILE D 49 2.66 -4.71 -19.92
CA ILE D 49 2.73 -4.33 -18.50
C ILE D 49 1.37 -4.58 -17.80
N ARG D 50 0.28 -4.16 -18.46
CA ARG D 50 -1.04 -4.43 -17.85
C ARG D 50 -1.22 -5.95 -17.65
N GLN D 51 -0.89 -6.72 -18.67
CA GLN D 51 -1.04 -8.18 -18.55
C GLN D 51 -0.20 -8.73 -17.38
N ASP D 52 1.02 -8.24 -17.25
CA ASP D 52 1.90 -8.68 -16.13
C ASP D 52 1.25 -8.46 -14.80
N LEU D 53 0.72 -7.26 -14.60
CA LEU D 53 0.08 -6.90 -13.34
C LEU D 53 -1.24 -7.63 -13.13
N ASN D 54 -1.96 -7.89 -14.23
CA ASN D 54 -3.25 -8.53 -14.14
C ASN D 54 -3.15 -9.95 -13.58
N ASN D 55 -1.97 -10.54 -13.54
CA ASN D 55 -1.83 -11.80 -12.79
C ASN D 55 -2.17 -11.73 -11.34
N PHE D 56 -2.06 -10.54 -10.76
CA PHE D 56 -2.13 -10.38 -9.31
C PHE D 56 -3.36 -9.62 -8.81
N GLY D 57 -4.34 -9.47 -9.70
CA GLY D 57 -5.64 -8.82 -9.45
C GLY D 57 -5.49 -7.31 -9.56
N GLY D 58 -6.51 -6.57 -9.17
CA GLY D 58 -6.38 -5.11 -9.01
C GLY D 58 -6.38 -4.75 -7.54
N GLN D 62 -9.70 1.90 -11.45
CA GLN D 62 -8.87 2.97 -10.91
C GLN D 62 -8.73 4.19 -11.84
N GLY D 63 -9.02 3.98 -13.12
CA GLY D 63 -8.86 5.00 -14.15
C GLY D 63 -7.64 4.71 -15.01
N TYR D 64 -7.03 5.77 -15.55
CA TYR D 64 -5.80 5.58 -16.29
C TYR D 64 -4.52 5.77 -15.46
N GLY D 65 -3.49 4.99 -15.82
CA GLY D 65 -2.18 5.09 -15.19
C GLY D 65 -2.20 4.55 -13.79
N TYR D 66 -1.18 4.90 -12.99
CA TYR D 66 -1.00 4.21 -11.74
C TYR D 66 -0.65 5.21 -10.66
N ASN D 67 -1.23 5.06 -9.47
CA ASN D 67 -0.73 5.70 -8.26
C ASN D 67 0.57 4.99 -7.87
N VAL D 68 1.63 5.77 -7.73
CA VAL D 68 2.98 5.24 -7.60
C VAL D 68 3.13 4.46 -6.30
N GLU D 69 2.58 5.01 -5.22
CA GLU D 69 2.78 4.43 -3.91
C GLU D 69 1.99 3.13 -3.81
N GLU D 70 0.79 3.14 -4.37
CA GLU D 70 -0.04 1.95 -4.32
C GLU D 70 0.56 0.86 -5.24
N LEU D 71 1.06 1.22 -6.42
CA LEU D 71 1.68 0.19 -7.30
C LEU D 71 2.96 -0.34 -6.64
N TYR D 72 3.79 0.59 -6.16
CA TYR D 72 4.99 0.21 -5.46
C TYR D 72 4.67 -0.76 -4.33
N ASN D 73 3.71 -0.42 -3.46
CA ASN D 73 3.39 -1.31 -2.34
C ASN D 73 2.80 -2.62 -2.82
N ASN D 74 1.94 -2.59 -3.83
CA ASN D 74 1.46 -3.83 -4.48
C ASN D 74 2.68 -4.69 -4.93
N LEU D 75 3.62 -4.10 -5.66
CA LEU D 75 4.81 -4.83 -6.11
C LEU D 75 5.65 -5.42 -4.98
N THR D 76 5.82 -4.69 -3.87
CA THR D 76 6.55 -5.16 -2.71
C THR D 76 5.93 -6.45 -2.19
N LYS D 77 4.61 -6.46 -2.11
CA LYS D 77 3.87 -7.64 -1.69
C LYS D 77 3.98 -8.80 -2.67
N ILE D 78 3.81 -8.52 -3.95
CA ILE D 78 3.89 -9.53 -5.00
C ILE D 78 5.28 -10.21 -4.97
N LEU D 79 6.34 -9.44 -4.70
CA LEU D 79 7.70 -9.96 -4.74
C LEU D 79 8.08 -10.66 -3.40
N GLY D 80 7.14 -10.70 -2.48
CA GLY D 80 7.31 -11.36 -1.19
C GLY D 80 8.20 -10.60 -0.27
N LEU D 81 8.34 -9.30 -0.51
CA LEU D 81 9.21 -8.46 0.35
C LEU D 81 8.56 -7.92 1.64
N ASP D 82 7.38 -8.38 1.98
CA ASP D 82 6.80 -8.16 3.30
C ASP D 82 7.09 -9.33 4.26
N LYS D 83 7.81 -10.35 3.76
CA LYS D 83 8.19 -11.56 4.51
C LYS D 83 9.69 -11.43 4.82
N THR D 84 10.19 -12.23 5.75
CA THR D 84 11.62 -12.31 5.99
C THR D 84 12.09 -13.70 5.58
N TYR D 85 13.33 -13.76 5.14
CA TYR D 85 13.92 -15.01 4.68
C TYR D 85 15.24 -15.15 5.42
N ASN D 86 15.51 -16.34 5.95
CA ASN D 86 16.76 -16.62 6.63
C ASN D 86 17.73 -17.12 5.60
N THR D 87 18.88 -16.45 5.53
CA THR D 87 19.90 -16.78 4.55
C THR D 87 21.21 -17.20 5.21
N ILE D 88 22.04 -17.95 4.48
CA ILE D 88 23.40 -18.19 4.89
C ILE D 88 24.28 -17.93 3.68
N ILE D 89 25.53 -17.59 3.91
CA ILE D 89 26.50 -17.48 2.79
C ILE D 89 27.53 -18.59 2.91
N ILE D 90 27.83 -19.26 1.78
CA ILE D 90 28.88 -20.28 1.76
C ILE D 90 30.05 -19.68 0.97
N GLY D 91 31.17 -19.58 1.66
CA GLY D 91 32.41 -18.95 1.11
C GLY D 91 32.64 -17.62 1.83
N ALA D 92 33.72 -17.51 2.58
CA ALA D 92 33.97 -16.26 3.30
C ALA D 92 35.17 -15.53 2.68
N GLY D 93 35.43 -15.76 1.39
CA GLY D 93 36.40 -14.93 0.63
C GLY D 93 35.87 -13.55 0.31
N ASN D 94 36.52 -12.82 -0.57
CA ASN D 94 36.07 -11.47 -0.84
C ASN D 94 34.61 -11.42 -1.36
N LEU D 95 34.27 -12.33 -2.28
CA LEU D 95 32.89 -12.33 -2.80
C LEU D 95 31.87 -12.49 -1.67
N GLY D 96 32.07 -13.48 -0.81
CA GLY D 96 31.10 -13.77 0.23
C GLY D 96 30.99 -12.60 1.17
N GLN D 97 32.13 -11.94 1.42
CA GLN D 97 32.10 -10.78 2.33
C GLN D 97 31.39 -9.63 1.66
N ALA D 98 31.63 -9.40 0.36
CA ALA D 98 30.86 -8.39 -0.36
C ALA D 98 29.36 -8.64 -0.31
N ILE D 99 28.97 -9.90 -0.53
CA ILE D 99 27.53 -10.19 -0.52
C ILE D 99 26.93 -10.02 0.87
N ALA D 100 27.67 -10.39 1.92
CA ALA D 100 27.22 -10.20 3.28
C ALA D 100 26.90 -8.70 3.46
N ASN D 101 27.80 -7.82 3.05
CA ASN D 101 27.49 -6.38 3.07
C ASN D 101 26.31 -5.92 2.20
N TYR D 102 26.23 -6.42 0.99
CA TYR D 102 25.13 -6.05 0.12
C TYR D 102 23.78 -6.50 0.71
N THR D 103 23.69 -7.79 1.06
CA THR D 103 22.75 -8.38 2.02
C THR D 103 22.23 -7.48 3.15
N SER D 104 23.01 -6.47 3.58
CA SER D 104 22.52 -5.39 4.48
C SER D 104 21.78 -4.21 3.81
N PHE D 105 22.34 -3.69 2.72
CA PHE D 105 21.67 -2.69 1.89
C PHE D 105 20.52 -3.35 1.13
N GLU D 106 19.85 -4.22 1.89
CA GLU D 106 18.69 -5.01 1.55
C GLU D 106 18.38 -5.98 2.69
N LYS D 107 19.06 -5.74 3.83
CA LYS D 107 18.94 -6.52 5.05
C LYS D 107 17.48 -6.51 5.37
N SER D 108 16.84 -5.36 5.20
CA SER D 108 15.40 -5.43 5.11
C SER D 108 15.16 -6.72 4.30
N GLY D 109 14.64 -7.74 4.98
CA GLY D 109 13.98 -8.91 4.38
C GLY D 109 14.84 -10.16 4.46
N PHE D 110 16.10 -9.97 4.18
CA PHE D 110 17.02 -11.06 3.98
C PHE D 110 18.01 -11.15 5.18
N ASN D 111 17.60 -11.94 6.17
CA ASN D 111 18.34 -12.00 7.44
C ASN D 111 19.46 -13.01 7.41
N LEU D 112 20.68 -12.51 7.34
CA LEU D 112 21.84 -13.36 7.31
C LEU D 112 22.05 -14.00 8.66
N LYS D 113 21.97 -15.33 8.72
CA LYS D 113 22.14 -16.07 9.97
C LYS D 113 23.51 -16.66 10.21
N GLY D 114 24.34 -16.82 9.18
CA GLY D 114 25.59 -17.55 9.33
C GLY D 114 26.37 -17.46 8.03
N ILE D 115 27.70 -17.53 8.13
CA ILE D 115 28.64 -17.70 7.00
C ILE D 115 29.51 -18.88 7.27
N PHE D 116 29.92 -19.57 6.20
CA PHE D 116 30.51 -20.91 6.29
C PHE D 116 31.69 -20.99 5.36
N ASP D 117 32.78 -21.57 5.85
CA ASP D 117 33.93 -21.69 4.99
C ASP D 117 34.69 -22.97 5.30
N ILE D 118 35.56 -23.34 4.36
CA ILE D 118 36.31 -24.59 4.50
C ILE D 118 37.63 -24.35 5.25
N ASN D 119 38.08 -23.11 5.32
CA ASN D 119 39.43 -22.83 5.85
C ASN D 119 39.42 -22.75 7.40
N PRO D 120 39.90 -23.80 8.11
CA PRO D 120 39.70 -23.82 9.57
C PRO D 120 40.36 -22.62 10.18
N ARG D 121 41.17 -21.97 9.36
CA ARG D 121 41.68 -20.69 9.79
C ARG D 121 40.67 -19.68 10.20
N LEU D 122 39.58 -19.55 9.45
CA LEU D 122 38.64 -18.45 9.68
C LEU D 122 37.55 -18.73 10.68
N PHE D 123 37.44 -19.96 11.18
CA PHE D 123 36.47 -20.27 12.21
C PHE D 123 36.44 -19.27 13.40
N GLY D 124 35.68 -18.18 13.23
CA GLY D 124 35.59 -17.11 14.21
C GLY D 124 35.46 -15.71 13.64
N LEU D 125 35.93 -15.46 12.41
CA LEU D 125 35.86 -14.11 11.86
C LEU D 125 34.48 -13.48 12.07
N LYS D 126 34.45 -12.20 12.35
CA LYS D 126 33.13 -11.61 12.45
C LYS D 126 32.85 -10.71 11.28
N ILE D 127 31.68 -10.91 10.72
CA ILE D 127 31.25 -10.12 9.62
C ILE D 127 29.86 -9.62 10.05
N ARG D 128 29.78 -8.32 10.39
CA ARG D 128 28.52 -7.68 10.71
C ARG D 128 27.82 -8.39 11.88
N ASP D 129 28.54 -8.65 12.97
CA ASP D 129 28.08 -9.65 13.97
C ASP D 129 27.56 -11.01 13.44
N VAL D 130 28.22 -11.55 12.44
CA VAL D 130 27.90 -12.90 11.97
C VAL D 130 29.23 -13.59 12.10
N GLU D 131 29.23 -14.82 12.59
CA GLU D 131 30.47 -15.55 12.80
C GLU D 131 30.66 -16.50 11.63
N VAL D 132 31.88 -16.60 11.14
CA VAL D 132 32.19 -17.60 10.14
C VAL D 132 32.30 -18.91 10.86
N MET D 133 31.64 -19.94 10.33
CA MET D 133 31.70 -21.27 10.91
C MET D 133 32.22 -22.26 9.88
N ASP D 134 32.69 -23.41 10.36
CA ASP D 134 33.07 -24.56 9.54
C ASP D 134 31.91 -25.09 8.72
N VAL D 135 32.09 -25.16 7.39
CA VAL D 135 31.06 -25.65 6.45
C VAL D 135 30.68 -27.10 6.77
N GLU D 136 31.55 -27.84 7.47
CA GLU D 136 31.11 -29.18 7.91
C GLU D 136 29.90 -29.13 8.81
N THR D 137 29.61 -27.99 9.46
CA THR D 137 28.46 -27.90 10.36
C THR D 137 27.18 -27.40 9.62
N VAL D 138 27.30 -27.12 8.32
CA VAL D 138 26.22 -26.38 7.63
C VAL D 138 24.86 -27.10 7.61
N GLU D 139 24.88 -28.41 7.39
CA GLU D 139 23.66 -29.21 7.23
C GLU D 139 22.84 -29.18 8.51
N ASP D 140 23.56 -29.32 9.63
CA ASP D 140 22.91 -29.20 10.91
C ASP D 140 22.40 -27.75 11.15
N PHE D 141 23.21 -26.75 10.81
CA PHE D 141 22.83 -25.35 11.07
C PHE D 141 21.55 -25.03 10.25
N ILE D 142 21.46 -25.55 9.03
CA ILE D 142 20.30 -25.25 8.14
C ILE D 142 18.99 -25.71 8.84
N ALA D 143 19.01 -26.94 9.35
CA ALA D 143 17.81 -27.53 10.00
C ALA D 143 17.51 -26.84 11.34
N ARG D 144 18.54 -26.58 12.11
CA ARG D 144 18.36 -25.91 13.41
C ARG D 144 17.84 -24.47 13.28
N ASN D 145 18.19 -23.77 12.21
CA ASN D 145 17.91 -22.33 12.11
C ASN D 145 16.91 -21.96 11.04
N LYS D 146 16.26 -22.98 10.46
CA LYS D 146 15.21 -22.84 9.46
C LYS D 146 15.71 -21.94 8.30
N ILE D 147 16.87 -22.29 7.76
CA ILE D 147 17.43 -21.45 6.69
C ILE D 147 16.66 -21.63 5.37
N ASP D 148 16.25 -20.53 4.73
CA ASP D 148 15.53 -20.57 3.47
C ASP D 148 16.46 -20.61 2.25
N ILE D 149 17.52 -19.78 2.27
CA ILE D 149 18.26 -19.47 1.03
C ILE D 149 19.73 -19.66 1.31
N GLY D 150 20.41 -20.51 0.54
CA GLY D 150 21.89 -20.61 0.65
C GLY D 150 22.50 -19.83 -0.51
N ILE D 151 23.45 -18.96 -0.20
CA ILE D 151 24.08 -18.12 -1.21
C ILE D 151 25.46 -18.65 -1.47
N LEU D 152 25.75 -19.07 -2.71
CA LEU D 152 26.98 -19.80 -2.95
C LEU D 152 28.04 -18.85 -3.50
N CYS D 153 29.13 -18.69 -2.76
CA CYS D 153 30.21 -17.73 -3.12
C CYS D 153 31.53 -18.46 -3.00
N ILE D 154 31.55 -19.70 -3.48
CA ILE D 154 32.76 -20.53 -3.37
C ILE D 154 33.30 -20.84 -4.75
N PRO D 155 34.52 -21.41 -4.84
CA PRO D 155 35.03 -21.81 -6.13
C PRO D 155 34.34 -23.03 -6.71
N LYS D 156 34.52 -23.22 -8.02
CA LYS D 156 33.88 -24.32 -8.76
C LYS D 156 34.24 -25.70 -8.26
N ASP D 157 35.44 -25.85 -7.69
CA ASP D 157 35.93 -27.16 -7.24
C ASP D 157 34.80 -28.00 -6.62
N ASN D 158 34.32 -27.57 -5.46
CA ASN D 158 33.33 -28.38 -4.75
C ASN D 158 31.94 -27.80 -4.76
N ALA D 159 31.66 -27.06 -5.84
CA ALA D 159 30.41 -26.33 -5.90
C ALA D 159 29.16 -27.23 -5.96
N GLN D 160 29.15 -28.20 -6.88
CA GLN D 160 28.03 -29.10 -6.96
C GLN D 160 27.88 -29.96 -5.69
N TYR D 161 29.00 -30.48 -5.19
CA TYR D 161 29.02 -31.19 -3.91
C TYR D 161 28.35 -30.38 -2.80
N THR D 162 28.72 -29.11 -2.72
CA THR D 162 28.19 -28.26 -1.66
C THR D 162 26.69 -28.02 -1.89
N ALA D 163 26.31 -27.75 -3.13
CA ALA D 163 24.89 -27.54 -3.47
C ALA D 163 24.10 -28.76 -3.00
N ASP D 164 24.64 -29.95 -3.24
CA ASP D 164 23.95 -31.20 -2.86
C ASP D 164 23.72 -31.29 -1.33
N ARG D 165 24.73 -30.91 -0.57
CA ARG D 165 24.66 -30.90 0.90
C ARG D 165 23.60 -29.94 1.36
N LEU D 166 23.55 -28.74 0.76
CA LEU D 166 22.44 -27.81 1.09
C LEU D 166 21.09 -28.40 0.80
N VAL D 167 20.94 -28.98 -0.38
CA VAL D 167 19.66 -29.56 -0.78
C VAL D 167 19.25 -30.67 0.22
N ARG D 168 20.19 -31.50 0.59
CA ARG D 168 19.75 -32.62 1.43
C ARG D 168 19.46 -32.19 2.86
N ALA D 169 20.00 -31.06 3.28
CA ALA D 169 19.65 -30.48 4.59
C ALA D 169 18.30 -29.77 4.60
N GLY D 170 17.68 -29.62 3.43
CA GLY D 170 16.36 -29.03 3.34
C GLY D 170 16.30 -27.59 2.84
N ILE D 171 17.38 -27.12 2.21
CA ILE D 171 17.38 -25.72 1.71
C ILE D 171 16.26 -25.56 0.68
N LYS D 172 15.65 -24.37 0.64
CA LYS D 172 14.52 -24.10 -0.28
C LYS D 172 14.94 -23.35 -1.53
N ALA D 173 16.10 -22.68 -1.45
CA ALA D 173 16.58 -21.91 -2.59
C ALA D 173 18.09 -21.72 -2.46
N ILE D 174 18.72 -21.65 -3.62
CA ILE D 174 20.12 -21.35 -3.77
C ILE D 174 20.28 -20.16 -4.69
N TRP D 175 21.07 -19.20 -4.20
CA TRP D 175 21.43 -18.04 -5.02
C TRP D 175 22.90 -18.19 -5.39
N ASN D 176 23.16 -18.48 -6.68
CA ASN D 176 24.44 -19.03 -7.04
C ASN D 176 25.31 -18.00 -7.76
N PHE D 177 26.45 -17.65 -7.18
CA PHE D 177 27.31 -16.66 -7.81
C PHE D 177 28.41 -17.24 -8.68
N LEU D 178 28.51 -18.55 -8.72
CA LEU D 178 29.55 -19.12 -9.58
C LEU D 178 29.07 -19.21 -11.01
N PRO D 179 29.94 -18.86 -11.98
CA PRO D 179 29.48 -18.73 -13.37
C PRO D 179 29.35 -20.09 -14.01
N ILE D 180 28.73 -21.01 -13.30
CA ILE D 180 28.33 -22.27 -13.84
C ILE D 180 26.93 -22.61 -13.30
N ASP D 181 26.00 -22.94 -14.16
CA ASP D 181 24.69 -23.42 -13.73
C ASP D 181 24.79 -24.84 -13.05
N LEU D 182 24.36 -24.91 -11.79
CA LEU D 182 24.46 -26.11 -10.96
C LEU D 182 23.20 -26.97 -11.12
N LYS D 183 23.17 -28.20 -10.60
CA LYS D 183 21.95 -29.00 -10.67
C LYS D 183 21.24 -29.09 -9.31
N VAL D 184 19.92 -28.86 -9.27
CA VAL D 184 19.12 -29.04 -8.05
C VAL D 184 17.81 -29.74 -8.44
N PRO D 185 17.13 -30.39 -7.50
CA PRO D 185 15.81 -30.94 -7.80
C PRO D 185 14.84 -29.81 -8.18
N ASP D 186 13.80 -30.18 -8.93
CA ASP D 186 12.81 -29.25 -9.44
C ASP D 186 12.10 -28.40 -8.40
N ASP D 187 11.96 -28.88 -7.17
CA ASP D 187 11.22 -28.15 -6.13
C ASP D 187 12.12 -27.11 -5.43
N VAL D 188 13.43 -27.19 -5.63
CA VAL D 188 14.34 -26.21 -5.04
C VAL D 188 14.58 -25.07 -6.06
N ILE D 189 14.44 -23.82 -5.61
CA ILE D 189 14.64 -22.68 -6.51
C ILE D 189 16.14 -22.45 -6.69
N LEU D 190 16.63 -22.44 -7.95
CA LEU D 190 18.03 -22.18 -8.20
C LEU D 190 18.11 -20.91 -9.04
N GLU D 191 18.67 -19.84 -8.46
CA GLU D 191 18.84 -18.57 -9.20
C GLU D 191 20.34 -18.36 -9.47
N ASN D 192 20.72 -18.50 -10.73
CA ASN D 192 22.15 -18.41 -11.08
C ASN D 192 22.35 -16.97 -11.51
N VAL D 193 23.26 -16.29 -10.83
CA VAL D 193 23.64 -14.93 -11.18
C VAL D 193 24.51 -14.96 -12.43
N HIS D 194 24.18 -14.13 -13.40
CA HIS D 194 24.93 -14.12 -14.65
C HIS D 194 25.43 -12.69 -14.87
N LEU D 195 26.48 -12.31 -14.16
CA LEU D 195 27.01 -10.93 -14.34
C LEU D 195 27.43 -10.62 -15.76
N SER D 196 27.94 -11.62 -16.47
CA SER D 196 28.29 -11.39 -17.85
C SER D 196 27.13 -10.91 -18.71
N ASP D 197 25.89 -11.23 -18.34
CA ASP D 197 24.78 -10.68 -19.11
C ASP D 197 24.82 -9.14 -19.07
N SER D 198 25.34 -8.58 -17.98
CA SER D 198 25.44 -7.15 -17.90
C SER D 198 26.73 -6.69 -18.63
N LEU D 199 27.83 -7.37 -18.32
CA LEU D 199 29.14 -6.95 -18.86
C LEU D 199 29.08 -7.00 -20.38
N PHE D 200 28.46 -8.04 -20.95
CA PHE D 200 28.43 -8.16 -22.43
C PHE D 200 27.54 -7.14 -23.15
N THR D 201 26.69 -6.41 -22.42
CA THR D 201 26.02 -5.26 -23.02
C THR D 201 26.94 -4.05 -23.13
N VAL D 202 28.01 -4.01 -22.35
CA VAL D 202 29.01 -2.94 -22.51
C VAL D 202 29.88 -3.17 -23.72
N SER D 203 30.36 -4.40 -23.89
CA SER D 203 31.09 -4.71 -25.13
C SER D 203 30.17 -4.48 -26.33
N TYR D 204 28.89 -4.82 -26.17
CA TYR D 204 27.99 -4.66 -27.29
C TYR D 204 27.95 -3.15 -27.62
N ARG D 205 27.70 -2.30 -26.62
CA ARG D 205 27.56 -0.87 -26.97
C ARG D 205 28.87 -0.20 -27.43
N LEU D 206 30.02 -0.60 -26.89
CA LEU D 206 31.34 -0.10 -27.37
C LEU D 206 31.57 -0.41 -28.84
N ASN D 207 31.11 -1.59 -29.24
CA ASN D 207 31.41 -2.11 -30.57
C ASN D 207 30.26 -1.88 -31.57
N GLU D 208 29.12 -1.38 -31.12
CA GLU D 208 27.96 -1.28 -32.00
C GLU D 208 28.22 -0.42 -33.27
N GLU D 209 28.86 0.73 -33.13
CA GLU D 209 29.10 1.60 -34.31
C GLU D 209 29.92 0.84 -35.37
N GLU D 210 31.06 0.30 -34.95
CA GLU D 210 31.90 -0.54 -35.80
C GLU D 210 31.17 -1.78 -36.38
N LEU D 211 30.34 -2.43 -35.57
CA LEU D 211 29.49 -3.53 -36.04
C LEU D 211 28.61 -3.09 -37.19
N PHE D 212 27.95 -1.96 -37.03
CA PHE D 212 27.00 -1.48 -38.06
C PHE D 212 27.67 -0.78 -39.23
N LYS D 213 28.98 -0.54 -39.11
CA LYS D 213 29.73 0.07 -40.21
C LYS D 213 30.42 -1.04 -41.03
N LYS D 214 30.75 -2.15 -40.37
CA LYS D 214 31.20 -3.36 -41.04
C LYS D 214 30.02 -3.80 -41.91
N LEU D 215 29.05 -4.50 -41.30
CA LEU D 215 27.72 -4.74 -41.90
C LEU D 215 27.38 -3.87 -43.12
S SO4 E . -25.76 16.17 16.99
O1 SO4 E . -24.71 15.79 17.95
O2 SO4 E . -25.25 16.94 15.83
O3 SO4 E . -26.34 14.92 16.50
O4 SO4 E . -26.84 16.92 17.65
S SO4 F . -27.11 -0.24 6.60
O1 SO4 F . -26.00 -1.05 7.11
O2 SO4 F . -26.64 0.57 5.48
O3 SO4 F . -28.17 -1.13 6.11
O4 SO4 F . -27.58 0.69 7.63
S SO4 G . 18.15 -17.92 -17.37
O1 SO4 G . 18.59 -17.41 -16.06
O2 SO4 G . 18.29 -16.90 -18.42
O3 SO4 G . 18.99 -19.07 -17.73
O4 SO4 G . 16.72 -18.26 -17.28
S SO4 H . 20.00 -2.55 -6.60
O1 SO4 H . 21.02 -3.04 -5.68
O2 SO4 H . 20.58 -1.69 -7.64
O3 SO4 H . 19.47 -3.75 -7.24
O4 SO4 H . 18.90 -1.83 -5.92
S SO4 I . -3.36 3.14 -18.38
O1 SO4 I . -2.43 3.98 -17.61
O2 SO4 I . -4.71 3.29 -17.87
O3 SO4 I . -3.29 3.58 -19.77
O4 SO4 I . -2.96 1.74 -18.22
#